data_7ZKA
#
_entry.id   7ZKA
#
_cell.length_a   1.00
_cell.length_b   1.00
_cell.length_c   1.00
_cell.angle_alpha   90.00
_cell.angle_beta   90.00
_cell.angle_gamma   90.00
#
_symmetry.space_group_name_H-M   'P 1'
#
loop_
_entity.id
_entity.type
_entity.pdbx_description
1 polymer 'ATP-dependent translocase ABCB1'
2 non-polymer (4~{S},11~{S},18~{S})-4,11-dimethyl-18-(sulfanylmethyl)-6,13,20-trithia-3,10,17,22,23,24-hexazatetracyclo[17.2.1.1^{5,8}.1^{12,15}]tetracosa-1(21),5(24),7,12(23),14,19(22)-hexaene-2,9,16-trione
3 non-polymer "ADENOSINE-5'-TRIPHOSPHATE"
4 non-polymer 'MAGNESIUM ION'
5 non-polymer 'Lauryl Maltose Neopentyl Glycol'
6 non-polymer 'CHOLESTEROL HEMISUCCINATE'
7 water water
#
_entity_poly.entity_id   1
_entity_poly.type   'polypeptide(L)'
_entity_poly.pdbx_seq_one_letter_code
;MELEEDLKGRADKNFSKMGKKSKKEKKEKKPAVSVLTMFRYAGWLDRLYMLVGTLAAIIHGVALPLMMLIFGDMTDSFAS
VGQVSKQSTQMSEADKRAMFAKLEEEMTTYAYYYTGIGAGVLIVAYIQVSFWALAAGRQIHKIRQKFFHAIMNQEIGWFD
VHDVGELNTRLTDDVSKINEGIGDKIGMFFQAMATFFGGFIIGFTRGWKLTLVILAISPVLGLSAGIWAKILSSFTDKEL
HAYAKAGAVAEEVLAAIRTVIAFGGQKKELERYNNNLEEAKRLGIKKAITANISMGAAFLLIYASYALAFWYGTSLVISK
EYSIGQVLTVFFSVLIGAFSVGQASPNIEAFANARGAAYEVFKIIDNKPSIDSFSKSGHKPDNIQGNLEFKNIHFSYPSR
KEVQILKGLNLKVKSGQTVALVGNSGGGKSTTVQLMQRLYDPLDGMVSIDGQDIRTINVRYLREIIGVVSQEPVLFATTI
AENIRYGREDVTMDEIEKAVKEANAYDFIMKLPHQFDTLVGERGAQLSGGQKQRIAIARALVRNPKILLLDEATSALDTE
SEAVVQAALDKAREGRTTIVIAHRLSTVRNADVIAGFDGGVIVEQGNHDELMREKGIYFKLVMTQTAGNEIELGNEAGKS
KDEIDNLDMSSKDSGSSLIRRRSTRKSITGPHDQDRKLSTKEALDEDVPPASFWRILKLNSTEWPYFVVGIFAAIINGGL
QPAFSVIFSKVVGVFTNGGPPETQRQNSNLFSLLFLILGIISFITFFLQGFTFGKAGEILTKRLRYMVFKSMLRQDVSWF
DDPKNTTGALTTRLANDAAQVKGATGSRLAVIFQNIANLGTGIIISLIYGWQLTLLLLAIVPIIAIAGVVEMKMLSGQAL
KDKKELEGSGKIATEAIENFRTVVSLTREQKFETMYAQSLQIPYRNAMKKAHVFGITFSFTQAMMYFSYAAAFRFGAYLV
TQQLMTFENVLLVFSAICFGAMAVGQVSSFAPDYAKATVSASHIIRIIEKTPEIDSYSTQGLKPNMLEGNVQFSGVVFNY
PTRPSIPVLQGLSLEVKKGQTLALVGSSGGGKSTVVQLLERFYDPMAGSVFLDGKEIKQLNVQWLRAQLGIVSQEPILFD
RSIAENIAYGDNSRVVSYEEIVRAAKEANIHQFIDSLPDKYNTRVGDKGTQLSGGQKQRIAIARALVRQPHILLLDEATS
ALDTESEKVVQEALDKAREGRTVIVIAHRLSTIQNADLIVVIQNGKVKEHGTHQQLLAQKGIYFSMVSVQAGAKRSLEEN
LYFQGGGASGGSWSHPQFEKAAAGGGSGGGSWSHPQFEKGSGHHHHHH
;
_entity_poly.pdbx_strand_id   A
#
# COMPACT_ATOMS: atom_id res chain seq x y z
N SER A 34 -24.24 -2.81 3.91
CA SER A 34 -23.59 -1.60 3.42
C SER A 34 -23.33 -1.70 1.91
N VAL A 35 -24.39 -1.58 1.12
CA VAL A 35 -24.30 -1.63 -0.33
C VAL A 35 -24.60 -0.25 -0.88
N LEU A 36 -24.07 0.04 -2.06
CA LEU A 36 -24.20 1.33 -2.75
C LEU A 36 -23.49 2.45 -2.00
N THR A 37 -22.79 2.13 -0.90
CA THR A 37 -21.93 3.09 -0.24
C THR A 37 -20.74 3.45 -1.12
N MET A 38 -20.41 2.60 -2.09
CA MET A 38 -19.25 2.84 -2.95
C MET A 38 -19.43 4.12 -3.76
N PHE A 39 -20.66 4.47 -4.08
CA PHE A 39 -20.98 5.70 -4.80
C PHE A 39 -21.43 6.82 -3.88
N ARG A 40 -20.92 6.86 -2.65
CA ARG A 40 -21.29 7.91 -1.72
C ARG A 40 -20.92 9.30 -2.24
N TYR A 41 -19.86 9.39 -3.03
CA TYR A 41 -19.28 10.66 -3.45
C TYR A 41 -19.53 10.92 -4.93
N ALA A 42 -20.73 10.60 -5.40
CA ALA A 42 -21.14 10.87 -6.77
C ALA A 42 -21.96 12.15 -6.81
N GLY A 43 -21.42 13.19 -7.45
CA GLY A 43 -22.08 14.47 -7.56
C GLY A 43 -23.05 14.52 -8.72
N TRP A 44 -23.56 15.72 -8.98
CA TRP A 44 -24.51 15.92 -10.08
C TRP A 44 -23.89 15.55 -11.42
N LEU A 45 -22.67 16.04 -11.67
CA LEU A 45 -22.00 15.71 -12.93
C LEU A 45 -21.63 14.23 -12.97
N ASP A 46 -21.24 13.68 -11.83
CA ASP A 46 -20.91 12.26 -11.74
C ASP A 46 -22.12 11.39 -12.03
N ARG A 47 -23.26 11.72 -11.42
CA ARG A 47 -24.48 10.97 -11.67
C ARG A 47 -24.96 11.14 -13.10
N LEU A 48 -24.77 12.33 -13.67
CA LEU A 48 -25.13 12.54 -15.08
C LEU A 48 -24.27 11.67 -15.99
N TYR A 49 -22.96 11.61 -15.72
CA TYR A 49 -22.09 10.71 -16.47
C TYR A 49 -22.56 9.27 -16.36
N MET A 50 -22.87 8.83 -15.14
CA MET A 50 -23.33 7.45 -14.96
C MET A 50 -24.62 7.17 -15.71
N LEU A 51 -25.58 8.11 -15.66
CA LEU A 51 -26.86 7.91 -16.33
C LEU A 51 -26.70 7.87 -17.85
N VAL A 52 -25.91 8.79 -18.41
CA VAL A 52 -25.73 8.80 -19.86
C VAL A 52 -24.94 7.58 -20.31
N GLY A 53 -23.96 7.16 -19.52
CA GLY A 53 -23.26 5.93 -19.84
C GLY A 53 -24.17 4.71 -19.80
N THR A 54 -25.08 4.67 -18.83
CA THR A 54 -26.06 3.59 -18.77
C THR A 54 -26.96 3.59 -19.99
N LEU A 55 -27.42 4.78 -20.41
CA LEU A 55 -28.27 4.87 -21.60
C LEU A 55 -27.52 4.41 -22.84
N ALA A 56 -26.26 4.83 -22.98
CA ALA A 56 -25.46 4.39 -24.12
C ALA A 56 -25.24 2.88 -24.08
N ALA A 57 -25.04 2.33 -22.88
CA ALA A 57 -24.91 0.89 -22.74
C ALA A 57 -26.18 0.17 -23.17
N ILE A 58 -27.34 0.71 -22.80
CA ILE A 58 -28.61 0.10 -23.18
C ILE A 58 -28.76 0.12 -24.69
N ILE A 59 -28.47 1.25 -25.33
CA ILE A 59 -28.59 1.35 -26.77
C ILE A 59 -27.64 0.39 -27.47
N HIS A 60 -26.38 0.36 -27.02
CA HIS A 60 -25.39 -0.53 -27.63
C HIS A 60 -25.79 -1.99 -27.47
N GLY A 61 -26.31 -2.36 -26.30
CA GLY A 61 -26.74 -3.73 -26.10
C GLY A 61 -27.93 -4.11 -26.96
N VAL A 62 -28.93 -3.23 -27.05
CA VAL A 62 -30.12 -3.56 -27.84
C VAL A 62 -29.90 -3.41 -29.34
N ALA A 63 -28.76 -2.85 -29.75
CA ALA A 63 -28.45 -2.76 -31.18
C ALA A 63 -28.42 -4.14 -31.83
N LEU A 64 -27.89 -5.15 -31.12
CA LEU A 64 -27.73 -6.47 -31.72
C LEU A 64 -29.06 -7.21 -31.88
N PRO A 65 -29.88 -7.38 -30.85
CA PRO A 65 -31.17 -8.07 -31.05
C PRO A 65 -32.06 -7.36 -32.06
N LEU A 66 -32.03 -6.04 -32.11
CA LEU A 66 -32.78 -5.32 -33.14
C LEU A 66 -32.24 -5.63 -34.53
N MET A 67 -30.92 -5.75 -34.65
CA MET A 67 -30.30 -6.06 -35.97
C MET A 67 -30.67 -7.48 -36.40
N MET A 68 -30.79 -8.42 -35.45
CA MET A 68 -31.21 -9.77 -35.83
C MET A 68 -32.71 -9.83 -36.11
N LEU A 69 -33.51 -9.05 -35.41
CA LEU A 69 -34.93 -8.96 -35.73
C LEU A 69 -35.17 -8.34 -37.10
N ILE A 70 -34.30 -7.43 -37.55
CA ILE A 70 -34.41 -6.93 -38.91
C ILE A 70 -34.28 -8.07 -39.92
N PHE A 71 -33.34 -8.99 -39.68
CA PHE A 71 -33.28 -10.22 -40.47
C PHE A 71 -34.54 -11.07 -40.26
N GLY A 72 -35.11 -11.04 -39.06
CA GLY A 72 -36.32 -11.80 -38.80
C GLY A 72 -37.58 -11.12 -39.28
N ASP A 73 -37.45 -9.95 -39.92
CA ASP A 73 -38.62 -9.25 -40.45
C ASP A 73 -39.38 -10.09 -41.46
N MET A 74 -38.64 -10.96 -42.16
CA MET A 74 -39.27 -11.93 -43.09
C MET A 74 -39.14 -13.28 -42.40
N THR A 75 -39.75 -14.35 -42.94
CA THR A 75 -39.73 -15.62 -42.23
C THR A 75 -38.38 -16.32 -42.32
N ASP A 76 -37.85 -16.49 -43.52
CA ASP A 76 -36.72 -17.39 -43.73
C ASP A 76 -35.35 -16.74 -43.59
N SER A 77 -35.28 -15.41 -43.48
CA SER A 77 -34.03 -14.66 -43.39
C SER A 77 -33.18 -14.82 -44.66
N PHE A 78 -33.79 -15.41 -45.69
CA PHE A 78 -33.09 -15.63 -46.98
C PHE A 78 -33.99 -15.04 -48.05
N ALA A 79 -33.51 -14.04 -48.81
CA ALA A 79 -34.40 -13.36 -49.77
C ALA A 79 -34.94 -14.34 -50.82
N SER A 80 -34.07 -15.17 -51.38
CA SER A 80 -34.54 -16.20 -52.34
C SER A 80 -33.66 -17.44 -52.28
N VAL A 81 -34.27 -18.63 -52.32
CA VAL A 81 -33.47 -19.89 -52.40
C VAL A 81 -32.74 -19.91 -53.73
N GLY A 82 -33.42 -19.52 -54.82
CA GLY A 82 -32.78 -19.43 -56.15
C GLY A 82 -32.11 -20.70 -56.63
N GLN A 83 -30.85 -20.59 -57.06
CA GLN A 83 -30.10 -21.76 -57.62
C GLN A 83 -29.92 -22.85 -56.56
N VAL A 84 -29.69 -22.47 -55.29
CA VAL A 84 -29.37 -23.50 -54.25
C VAL A 84 -30.50 -24.52 -54.21
N SER A 85 -31.76 -24.09 -54.38
CA SER A 85 -32.87 -25.06 -54.46
C SER A 85 -33.14 -25.39 -55.93
N LYS A 86 -32.75 -26.57 -56.42
CA LYS A 86 -33.11 -26.99 -57.79
C LYS A 86 -34.25 -27.98 -57.61
N GLN A 87 -35.03 -27.80 -56.54
CA GLN A 87 -36.18 -28.70 -56.24
C GLN A 87 -37.08 -28.69 -57.48
N SER A 88 -37.54 -27.50 -57.89
CA SER A 88 -38.34 -27.37 -59.15
C SER A 88 -37.37 -27.36 -60.33
N THR A 89 -37.85 -27.57 -61.56
CA THR A 89 -36.91 -27.66 -62.71
C THR A 89 -36.14 -26.34 -62.82
N GLN A 90 -36.82 -25.20 -62.71
CA GLN A 90 -36.12 -23.87 -62.68
C GLN A 90 -35.13 -23.73 -63.85
N MET A 91 -35.57 -24.08 -65.07
CA MET A 91 -34.66 -24.04 -66.25
C MET A 91 -34.58 -22.62 -66.81
N SER A 92 -34.29 -21.63 -65.96
CA SER A 92 -34.10 -20.24 -66.46
C SER A 92 -32.63 -19.85 -66.35
N GLU A 93 -31.99 -19.55 -67.49
CA GLU A 93 -30.56 -19.11 -67.48
C GLU A 93 -30.50 -17.58 -67.49
N ALA A 94 -31.66 -16.92 -67.58
CA ALA A 94 -31.69 -15.45 -67.66
C ALA A 94 -32.37 -14.87 -66.41
N ASP A 95 -33.49 -15.48 -66.00
CA ASP A 95 -34.20 -14.98 -64.83
C ASP A 95 -33.40 -15.21 -63.55
N LYS A 96 -32.60 -16.28 -63.52
CA LYS A 96 -31.73 -16.52 -62.38
C LYS A 96 -30.72 -15.40 -62.20
N ARG A 97 -30.19 -14.88 -63.32
CA ARG A 97 -29.28 -13.74 -63.23
C ARG A 97 -29.97 -12.51 -62.66
N ALA A 98 -31.21 -12.26 -63.06
CA ALA A 98 -31.95 -11.12 -62.54
C ALA A 98 -32.23 -11.26 -61.05
N MET A 99 -32.61 -12.46 -60.61
CA MET A 99 -32.87 -12.62 -59.18
C MET A 99 -31.57 -12.65 -58.37
N PHE A 100 -30.45 -13.03 -59.00
CA PHE A 100 -29.15 -12.81 -58.38
C PHE A 100 -28.86 -11.33 -58.20
N ALA A 101 -29.19 -10.51 -59.20
CA ALA A 101 -29.05 -9.06 -59.05
C ALA A 101 -29.94 -8.55 -57.92
N LYS A 102 -31.15 -9.09 -57.80
CA LYS A 102 -32.03 -8.73 -56.68
C LYS A 102 -31.41 -9.10 -55.34
N LEU A 103 -30.81 -10.28 -55.24
CA LEU A 103 -30.11 -10.67 -54.02
C LEU A 103 -28.95 -9.72 -53.73
N GLU A 104 -28.23 -9.31 -54.77
CA GLU A 104 -27.14 -8.35 -54.59
C GLU A 104 -27.66 -7.03 -54.05
N GLU A 105 -28.81 -6.57 -54.57
CA GLU A 105 -29.41 -5.34 -54.07
C GLU A 105 -29.80 -5.48 -52.60
N GLU A 106 -30.38 -6.62 -52.23
CA GLU A 106 -30.74 -6.85 -50.83
C GLU A 106 -29.51 -6.83 -49.93
N MET A 107 -28.42 -7.49 -50.37
CA MET A 107 -27.19 -7.48 -49.59
C MET A 107 -26.57 -6.09 -49.50
N THR A 108 -26.63 -5.29 -50.56
CA THR A 108 -26.14 -3.92 -50.52
C THR A 108 -26.93 -3.07 -49.53
N THR A 109 -28.26 -3.21 -49.52
CA THR A 109 -29.07 -2.49 -48.54
C THR A 109 -28.72 -2.93 -47.12
N TYR A 110 -28.53 -4.24 -46.91
CA TYR A 110 -28.14 -4.73 -45.60
C TYR A 110 -26.78 -4.18 -45.19
N ALA A 111 -25.84 -4.08 -46.14
CA ALA A 111 -24.53 -3.53 -45.84
C ALA A 111 -24.61 -2.06 -45.46
N TYR A 112 -25.45 -1.29 -46.16
CA TYR A 112 -25.64 0.11 -45.79
C TYR A 112 -26.24 0.23 -44.39
N TYR A 113 -27.23 -0.61 -44.07
CA TYR A 113 -27.79 -0.61 -42.73
C TYR A 113 -26.75 -0.95 -41.69
N TYR A 114 -25.89 -1.94 -41.98
CA TYR A 114 -24.85 -2.33 -41.03
C TYR A 114 -23.82 -1.21 -40.86
N THR A 115 -23.52 -0.47 -41.92
CA THR A 115 -22.64 0.68 -41.79
C THR A 115 -23.24 1.75 -40.87
N GLY A 116 -24.54 2.03 -41.05
CA GLY A 116 -25.20 2.96 -40.15
C GLY A 116 -25.17 2.50 -38.70
N ILE A 117 -25.45 1.21 -38.48
CA ILE A 117 -25.41 0.66 -37.13
C ILE A 117 -23.99 0.73 -36.58
N GLY A 118 -22.99 0.54 -37.43
CA GLY A 118 -21.62 0.66 -36.98
C GLY A 118 -21.26 2.07 -36.54
N ALA A 119 -21.74 3.07 -37.27
CA ALA A 119 -21.53 4.46 -36.84
C ALA A 119 -22.23 4.72 -35.50
N GLY A 120 -23.47 4.25 -35.36
CA GLY A 120 -24.16 4.40 -34.09
C GLY A 120 -23.43 3.73 -32.94
N VAL A 121 -22.90 2.53 -33.19
CA VAL A 121 -22.11 1.82 -32.18
C VAL A 121 -20.85 2.60 -31.85
N LEU A 122 -20.19 3.15 -32.86
CA LEU A 122 -19.02 4.00 -32.64
C LEU A 122 -19.33 5.11 -31.65
N ILE A 123 -20.49 5.76 -31.83
CA ILE A 123 -20.85 6.85 -30.93
C ILE A 123 -21.16 6.31 -29.52
N VAL A 124 -22.01 5.30 -29.43
CA VAL A 124 -22.56 4.91 -28.13
C VAL A 124 -21.51 4.22 -27.27
N ALA A 125 -20.65 3.39 -27.87
CA ALA A 125 -19.64 2.69 -27.09
C ALA A 125 -18.64 3.67 -26.49
N TYR A 126 -18.20 4.65 -27.28
CA TYR A 126 -17.35 5.69 -26.72
C TYR A 126 -18.05 6.42 -25.59
N ILE A 127 -19.31 6.80 -25.80
CA ILE A 127 -20.03 7.55 -24.77
C ILE A 127 -20.06 6.76 -23.48
N GLN A 128 -20.47 5.49 -23.56
CA GLN A 128 -20.62 4.69 -22.34
C GLN A 128 -19.30 4.49 -21.62
N VAL A 129 -18.27 4.04 -22.35
CA VAL A 129 -17.01 3.71 -21.69
C VAL A 129 -16.36 4.95 -21.12
N SER A 130 -16.30 6.03 -21.92
CA SER A 130 -15.67 7.26 -21.47
C SER A 130 -16.41 7.85 -20.27
N PHE A 131 -17.74 7.87 -20.31
CA PHE A 131 -18.48 8.47 -19.21
C PHE A 131 -18.33 7.65 -17.93
N TRP A 132 -18.44 6.33 -18.03
CA TRP A 132 -18.28 5.51 -16.83
C TRP A 132 -16.86 5.60 -16.28
N ALA A 133 -15.85 5.65 -17.15
CA ALA A 133 -14.48 5.74 -16.67
C ALA A 133 -14.20 7.09 -16.02
N LEU A 134 -14.73 8.17 -16.58
CA LEU A 134 -14.60 9.47 -15.92
C LEU A 134 -15.30 9.47 -14.57
N ALA A 135 -16.49 8.88 -14.50
CA ALA A 135 -17.18 8.75 -13.23
C ALA A 135 -16.31 8.01 -12.21
N ALA A 136 -15.74 6.89 -12.63
CA ALA A 136 -14.90 6.10 -11.73
C ALA A 136 -13.68 6.88 -11.28
N GLY A 137 -13.05 7.62 -12.19
CA GLY A 137 -11.88 8.41 -11.81
C GLY A 137 -12.21 9.46 -10.79
N ARG A 138 -13.31 10.19 -10.99
CA ARG A 138 -13.71 11.21 -10.02
C ARG A 138 -14.03 10.58 -8.67
N GLN A 139 -14.76 9.46 -8.67
CA GLN A 139 -15.09 8.81 -7.40
C GLN A 139 -13.84 8.30 -6.70
N ILE A 140 -12.88 7.76 -7.44
CA ILE A 140 -11.65 7.27 -6.83
C ILE A 140 -10.85 8.42 -6.22
N HIS A 141 -10.77 9.54 -6.94
CA HIS A 141 -10.07 10.72 -6.40
C HIS A 141 -10.72 11.18 -5.10
N LYS A 142 -12.04 11.35 -5.11
CA LYS A 142 -12.72 11.82 -3.90
C LYS A 142 -12.65 10.78 -2.78
N ILE A 143 -12.71 9.49 -3.10
CA ILE A 143 -12.61 8.45 -2.08
C ILE A 143 -11.24 8.48 -1.43
N ARG A 144 -10.18 8.63 -2.23
CA ARG A 144 -8.84 8.73 -1.65
C ARG A 144 -8.72 9.93 -0.73
N GLN A 145 -9.24 11.09 -1.18
CA GLN A 145 -9.14 12.30 -0.38
C GLN A 145 -9.90 12.14 0.94
N LYS A 146 -11.12 11.61 0.88
CA LYS A 146 -11.92 11.47 2.09
C LYS A 146 -11.37 10.39 3.01
N PHE A 147 -10.78 9.32 2.45
CA PHE A 147 -10.17 8.29 3.29
C PHE A 147 -8.95 8.84 4.03
N PHE A 148 -8.12 9.62 3.34
CA PHE A 148 -6.99 10.25 4.03
C PHE A 148 -7.47 11.24 5.09
N HIS A 149 -8.52 12.00 4.79
CA HIS A 149 -9.08 12.91 5.79
C HIS A 149 -9.59 12.15 7.01
N ALA A 150 -10.27 11.03 6.78
CA ALA A 150 -10.76 10.22 7.90
C ALA A 150 -9.63 9.64 8.72
N ILE A 151 -8.56 9.19 8.06
CA ILE A 151 -7.40 8.68 8.78
C ILE A 151 -6.78 9.77 9.64
N MET A 152 -6.63 10.97 9.08
CA MET A 152 -6.07 12.10 9.83
C MET A 152 -7.02 12.63 10.90
N ASN A 153 -8.31 12.29 10.82
CA ASN A 153 -9.30 12.79 11.78
C ASN A 153 -9.42 11.93 13.03
N GLN A 154 -8.80 10.76 13.07
CA GLN A 154 -8.96 9.87 14.21
C GLN A 154 -8.18 10.39 15.41
N GLU A 155 -8.39 9.74 16.56
CA GLU A 155 -7.75 10.14 17.79
C GLU A 155 -6.43 9.39 18.00
N ILE A 156 -5.70 9.81 19.03
CA ILE A 156 -4.46 9.12 19.38
C ILE A 156 -4.76 7.72 19.91
N GLY A 157 -5.81 7.59 20.72
CA GLY A 157 -6.18 6.28 21.23
C GLY A 157 -6.63 5.34 20.13
N TRP A 158 -7.33 5.86 19.11
CA TRP A 158 -7.71 5.05 17.97
C TRP A 158 -6.47 4.53 17.23
N PHE A 159 -5.46 5.40 17.07
CA PHE A 159 -4.21 4.97 16.46
C PHE A 159 -3.47 3.96 17.33
N ASP A 160 -3.64 4.05 18.65
CA ASP A 160 -2.99 3.10 19.55
C ASP A 160 -3.64 1.74 19.46
N VAL A 161 -4.97 1.69 19.40
CA VAL A 161 -5.68 0.41 19.38
C VAL A 161 -5.45 -0.32 18.07
N HIS A 162 -5.49 0.40 16.95
CA HIS A 162 -5.44 -0.23 15.64
C HIS A 162 -4.02 -0.28 15.11
N ASP A 163 -3.77 -1.26 14.22
CA ASP A 163 -2.49 -1.37 13.51
C ASP A 163 -2.60 -0.47 12.28
N VAL A 164 -2.11 0.76 12.43
CA VAL A 164 -2.29 1.79 11.41
C VAL A 164 -1.34 1.56 10.25
N GLY A 165 -0.35 0.68 10.44
CA GLY A 165 0.57 0.35 9.37
C GLY A 165 -0.11 -0.23 8.15
N GLU A 166 -1.28 -0.82 8.31
CA GLU A 166 -2.08 -1.32 7.20
C GLU A 166 -2.70 -0.20 6.38
N LEU A 167 -3.00 0.94 7.01
CA LEU A 167 -3.81 1.98 6.36
C LEU A 167 -3.22 2.42 5.02
N ASN A 168 -1.91 2.66 5.00
CA ASN A 168 -1.26 3.06 3.74
C ASN A 168 -1.51 2.03 2.64
N THR A 169 -1.33 0.75 2.96
CA THR A 169 -1.63 -0.30 1.99
C THR A 169 -3.05 -0.16 1.47
N ARG A 170 -4.00 0.08 2.38
CA ARG A 170 -5.37 0.33 1.96
C ARG A 170 -5.42 1.45 0.92
N LEU A 171 -4.81 2.59 1.23
CA LEU A 171 -4.83 3.73 0.32
C LEU A 171 -4.23 3.36 -1.03
N THR A 172 -3.30 2.42 -1.04
CA THR A 172 -2.69 2.00 -2.30
C THR A 172 -3.51 0.91 -2.97
N ASP A 173 -4.07 -0.01 -2.18
CA ASP A 173 -4.57 -1.25 -2.76
C ASP A 173 -6.09 -1.24 -2.91
N ASP A 174 -6.82 -1.09 -1.79
CA ASP A 174 -8.26 -1.32 -1.82
C ASP A 174 -8.94 -0.34 -2.77
N VAL A 175 -8.56 0.94 -2.73
CA VAL A 175 -9.14 1.93 -3.63
C VAL A 175 -8.95 1.50 -5.08
N SER A 176 -7.76 0.98 -5.42
CA SER A 176 -7.54 0.49 -6.77
C SER A 176 -8.51 -0.65 -7.10
N LYS A 177 -8.75 -1.55 -6.15
CA LYS A 177 -9.73 -2.60 -6.38
C LYS A 177 -11.12 -2.02 -6.59
N ILE A 178 -11.41 -0.87 -5.96
CA ILE A 178 -12.67 -0.18 -6.23
C ILE A 178 -12.67 0.39 -7.64
N ASN A 179 -11.50 0.89 -8.09
CA ASN A 179 -11.44 1.59 -9.37
C ASN A 179 -11.82 0.66 -10.52
N GLU A 180 -11.38 -0.60 -10.48
CA GLU A 180 -11.73 -1.57 -11.50
C GLU A 180 -13.10 -2.19 -11.28
N GLY A 181 -13.96 -1.58 -10.47
CA GLY A 181 -15.30 -2.09 -10.24
C GLY A 181 -16.40 -1.08 -10.44
N ILE A 182 -16.02 0.17 -10.68
CA ILE A 182 -16.99 1.25 -10.93
C ILE A 182 -16.68 1.94 -12.24
N GLY A 183 -15.83 1.34 -13.07
CA GLY A 183 -15.42 1.94 -14.31
C GLY A 183 -16.15 1.42 -15.52
N ASP A 184 -15.41 1.03 -16.55
CA ASP A 184 -15.98 0.48 -17.78
C ASP A 184 -16.70 -0.85 -17.56
N LYS A 185 -16.39 -1.55 -16.48
CA LYS A 185 -16.98 -2.87 -16.24
C LYS A 185 -18.48 -2.78 -16.06
N ILE A 186 -18.95 -1.75 -15.36
CA ILE A 186 -20.39 -1.56 -15.20
C ILE A 186 -21.04 -1.21 -16.53
N GLY A 187 -20.34 -0.43 -17.36
CA GLY A 187 -20.87 -0.16 -18.69
C GLY A 187 -21.04 -1.41 -19.52
N MET A 188 -20.02 -2.28 -19.52
CA MET A 188 -20.13 -3.54 -20.24
C MET A 188 -21.24 -4.42 -19.68
N PHE A 189 -21.36 -4.45 -18.34
CA PHE A 189 -22.42 -5.25 -17.72
C PHE A 189 -23.80 -4.76 -18.13
N PHE A 190 -24.00 -3.44 -18.15
CA PHE A 190 -25.29 -2.90 -18.56
C PHE A 190 -25.54 -3.14 -20.04
N GLN A 191 -24.49 -3.07 -20.86
CA GLN A 191 -24.65 -3.37 -22.29
C GLN A 191 -25.12 -4.81 -22.50
N ALA A 192 -24.50 -5.76 -21.80
CA ALA A 192 -24.91 -7.15 -21.97
C ALA A 192 -26.29 -7.40 -21.38
N MET A 193 -26.63 -6.73 -20.27
CA MET A 193 -27.98 -6.82 -19.73
C MET A 193 -28.99 -6.33 -20.75
N ALA A 194 -28.69 -5.22 -21.41
CA ALA A 194 -29.57 -4.70 -22.46
C ALA A 194 -29.71 -5.69 -23.59
N THR A 195 -28.60 -6.30 -24.03
CA THR A 195 -28.67 -7.28 -25.10
C THR A 195 -29.61 -8.41 -24.72
N PHE A 196 -29.40 -9.00 -23.55
CA PHE A 196 -30.19 -10.11 -23.04
C PHE A 196 -31.66 -9.76 -22.97
N PHE A 197 -31.98 -8.64 -22.30
CA PHE A 197 -33.37 -8.33 -22.02
C PHE A 197 -34.09 -7.79 -23.26
N GLY A 198 -33.40 -7.08 -24.14
CA GLY A 198 -34.01 -6.67 -25.40
C GLY A 198 -34.30 -7.86 -26.30
N GLY A 199 -33.39 -8.83 -26.35
CA GLY A 199 -33.69 -10.06 -27.04
C GLY A 199 -34.88 -10.78 -26.45
N PHE A 200 -34.99 -10.79 -25.12
CA PHE A 200 -36.14 -11.43 -24.51
C PHE A 200 -37.44 -10.66 -24.78
N ILE A 201 -37.36 -9.33 -24.87
CA ILE A 201 -38.54 -8.54 -25.21
C ILE A 201 -38.99 -8.83 -26.63
N ILE A 202 -38.05 -8.92 -27.56
CA ILE A 202 -38.38 -9.34 -28.92
C ILE A 202 -38.98 -10.74 -28.90
N GLY A 203 -38.47 -11.60 -28.02
CA GLY A 203 -39.05 -12.93 -27.88
C GLY A 203 -40.48 -12.90 -27.40
N PHE A 204 -40.79 -12.07 -26.40
CA PHE A 204 -42.18 -11.94 -25.99
C PHE A 204 -43.05 -11.38 -27.10
N THR A 205 -42.46 -10.53 -27.95
CA THR A 205 -43.20 -10.01 -29.10
C THR A 205 -43.55 -11.13 -30.08
N ARG A 206 -42.61 -12.04 -30.33
CA ARG A 206 -42.81 -13.03 -31.39
C ARG A 206 -43.36 -14.35 -30.84
N GLY A 207 -42.58 -15.02 -29.98
CA GLY A 207 -42.84 -16.37 -29.50
C GLY A 207 -43.02 -16.45 -27.99
N TRP A 208 -43.90 -15.61 -27.47
CA TRP A 208 -44.04 -15.40 -26.01
C TRP A 208 -43.92 -16.68 -25.20
N LYS A 209 -44.49 -17.80 -25.67
CA LYS A 209 -44.44 -19.03 -24.87
C LYS A 209 -43.00 -19.57 -24.76
N LEU A 210 -42.32 -19.71 -25.88
CA LEU A 210 -40.93 -20.19 -25.86
C LEU A 210 -40.04 -19.21 -25.10
N THR A 211 -40.29 -17.91 -25.28
CA THR A 211 -39.51 -16.91 -24.57
C THR A 211 -39.72 -17.01 -23.06
N LEU A 212 -40.95 -17.26 -22.63
CA LEU A 212 -41.22 -17.48 -21.21
C LEU A 212 -40.53 -18.74 -20.72
N VAL A 213 -40.47 -19.77 -21.56
CA VAL A 213 -39.75 -20.99 -21.19
C VAL A 213 -38.27 -20.71 -20.92
N ILE A 214 -37.62 -19.92 -21.77
CA ILE A 214 -36.22 -19.56 -21.52
C ILE A 214 -36.05 -18.60 -20.34
N LEU A 215 -36.96 -17.63 -20.20
CA LEU A 215 -36.94 -16.75 -19.04
C LEU A 215 -37.26 -17.51 -17.75
N ALA A 216 -37.77 -18.73 -17.85
CA ALA A 216 -37.87 -19.59 -16.68
C ALA A 216 -36.52 -20.17 -16.25
N ILE A 217 -35.57 -20.27 -17.19
CA ILE A 217 -34.24 -20.77 -16.86
C ILE A 217 -33.40 -19.62 -16.35
N SER A 218 -33.67 -18.41 -16.85
CA SER A 218 -32.86 -17.24 -16.51
C SER A 218 -32.69 -17.01 -14.98
N PRO A 219 -33.74 -17.22 -14.16
CA PRO A 219 -33.55 -17.08 -12.70
C PRO A 219 -32.42 -17.91 -12.14
N VAL A 220 -32.15 -19.10 -12.68
CA VAL A 220 -31.04 -19.89 -12.19
C VAL A 220 -29.72 -19.15 -12.43
N LEU A 221 -29.57 -18.56 -13.61
CA LEU A 221 -28.40 -17.74 -13.90
C LEU A 221 -28.27 -16.60 -12.89
N GLY A 222 -29.39 -15.90 -12.64
CA GLY A 222 -29.34 -14.78 -11.70
C GLY A 222 -28.96 -15.22 -10.30
N LEU A 223 -29.56 -16.31 -9.81
CA LEU A 223 -29.27 -16.81 -8.48
C LEU A 223 -27.81 -17.23 -8.35
N SER A 224 -27.31 -17.96 -9.35
CA SER A 224 -25.91 -18.38 -9.32
C SER A 224 -24.98 -17.18 -9.30
N ALA A 225 -25.26 -16.19 -10.16
CA ALA A 225 -24.41 -14.99 -10.19
C ALA A 225 -24.42 -14.28 -8.84
N GLY A 226 -25.59 -14.13 -8.23
CA GLY A 226 -25.65 -13.46 -6.94
C GLY A 226 -24.91 -14.18 -5.84
N ILE A 227 -25.10 -15.51 -5.75
CA ILE A 227 -24.44 -16.27 -4.69
C ILE A 227 -22.92 -16.22 -4.87
N TRP A 228 -22.45 -16.46 -6.10
CA TRP A 228 -21.01 -16.44 -6.33
C TRP A 228 -20.44 -15.04 -6.13
N ALA A 229 -21.21 -13.99 -6.44
CA ALA A 229 -20.72 -12.64 -6.19
C ALA A 229 -20.59 -12.36 -4.70
N LYS A 230 -21.55 -12.81 -3.89
CA LYS A 230 -21.42 -12.67 -2.44
C LYS A 230 -20.19 -13.39 -1.92
N ILE A 231 -19.99 -14.64 -2.36
CA ILE A 231 -18.83 -15.42 -1.91
C ILE A 231 -17.53 -14.73 -2.32
N LEU A 232 -17.50 -14.21 -3.56
CA LEU A 232 -16.30 -13.54 -4.06
C LEU A 232 -16.03 -12.26 -3.30
N SER A 233 -17.07 -11.51 -2.93
CA SER A 233 -16.87 -10.30 -2.15
C SER A 233 -16.31 -10.61 -0.77
N SER A 234 -16.82 -11.65 -0.12
CA SER A 234 -16.28 -12.03 1.18
C SER A 234 -14.82 -12.46 1.07
N PHE A 235 -14.51 -13.27 0.05
CA PHE A 235 -13.14 -13.72 -0.15
C PHE A 235 -12.21 -12.55 -0.46
N THR A 236 -12.69 -11.57 -1.24
CA THR A 236 -11.89 -10.39 -1.53
C THR A 236 -11.64 -9.58 -0.27
N ASP A 237 -12.64 -9.45 0.60
CA ASP A 237 -12.44 -8.75 1.86
C ASP A 237 -11.36 -9.42 2.69
N LYS A 238 -11.42 -10.75 2.81
CA LYS A 238 -10.40 -11.46 3.59
C LYS A 238 -9.02 -11.33 2.96
N GLU A 239 -8.94 -11.45 1.63
CA GLU A 239 -7.67 -11.35 0.93
C GLU A 239 -7.04 -9.97 1.10
N LEU A 240 -7.86 -8.92 1.02
CA LEU A 240 -7.36 -7.57 1.21
C LEU A 240 -6.94 -7.33 2.65
N HIS A 241 -7.63 -7.95 3.61
CA HIS A 241 -7.17 -7.89 4.99
C HIS A 241 -5.79 -8.53 5.15
N ALA A 242 -5.58 -9.69 4.53
CA ALA A 242 -4.27 -10.34 4.60
C ALA A 242 -3.19 -9.49 3.93
N TYR A 243 -3.52 -8.89 2.78
CA TYR A 243 -2.55 -8.03 2.11
C TYR A 243 -2.22 -6.80 2.95
N ALA A 244 -3.22 -6.24 3.65
CA ALA A 244 -2.97 -5.12 4.53
C ALA A 244 -2.07 -5.52 5.70
N LYS A 245 -2.28 -6.73 6.23
CA LYS A 245 -1.39 -7.22 7.29
C LYS A 245 0.04 -7.34 6.78
N ALA A 246 0.22 -7.90 5.58
CA ALA A 246 1.56 -8.00 5.01
C ALA A 246 2.18 -6.62 4.79
N GLY A 247 1.38 -5.66 4.31
CA GLY A 247 1.89 -4.31 4.11
C GLY A 247 2.29 -3.64 5.41
N ALA A 248 1.50 -3.86 6.47
CA ALA A 248 1.87 -3.32 7.78
C ALA A 248 3.18 -3.93 8.27
N VAL A 249 3.34 -5.24 8.10
CA VAL A 249 4.59 -5.89 8.51
C VAL A 249 5.76 -5.27 7.74
N ALA A 250 5.61 -5.12 6.43
CA ALA A 250 6.69 -4.56 5.61
C ALA A 250 7.00 -3.12 6.01
N GLU A 251 5.97 -2.32 6.28
CA GLU A 251 6.17 -0.93 6.66
C GLU A 251 6.92 -0.84 7.98
N GLU A 252 6.52 -1.65 8.96
CA GLU A 252 7.22 -1.64 10.25
C GLU A 252 8.67 -2.07 10.08
N VAL A 253 8.91 -3.10 9.26
CA VAL A 253 10.28 -3.59 9.08
C VAL A 253 11.14 -2.55 8.39
N LEU A 254 10.59 -1.87 7.37
CA LEU A 254 11.38 -0.91 6.62
C LEU A 254 11.64 0.36 7.43
N ALA A 255 10.66 0.78 8.24
CA ALA A 255 10.85 1.97 9.07
C ALA A 255 11.94 1.78 10.11
N ALA A 256 12.21 0.54 10.52
CA ALA A 256 13.24 0.22 11.49
C ALA A 256 14.32 -0.65 10.87
N ILE A 257 14.74 -0.30 9.65
CA ILE A 257 15.66 -1.15 8.91
C ILE A 257 17.04 -1.20 9.57
N ARG A 258 17.44 -0.13 10.26
CA ARG A 258 18.75 -0.14 10.91
C ARG A 258 18.80 -1.17 12.03
N THR A 259 17.74 -1.27 12.83
CA THR A 259 17.69 -2.28 13.88
C THR A 259 17.69 -3.68 13.29
N VAL A 260 16.91 -3.89 12.22
CA VAL A 260 16.85 -5.20 11.57
C VAL A 260 18.22 -5.60 11.04
N ILE A 261 18.91 -4.66 10.39
CA ILE A 261 20.24 -4.96 9.86
C ILE A 261 21.24 -5.23 10.97
N ALA A 262 21.20 -4.42 12.04
CA ALA A 262 22.14 -4.59 13.13
C ALA A 262 21.97 -5.93 13.83
N PHE A 263 20.73 -6.32 14.09
CA PHE A 263 20.45 -7.56 14.80
C PHE A 263 20.26 -8.75 13.88
N GLY A 264 20.42 -8.56 12.57
CA GLY A 264 20.33 -9.67 11.64
C GLY A 264 18.96 -10.33 11.60
N GLY A 265 17.90 -9.54 11.64
CA GLY A 265 16.55 -10.04 11.66
C GLY A 265 15.90 -10.18 10.30
N GLN A 266 16.67 -10.12 9.21
CA GLN A 266 16.07 -10.11 7.88
C GLN A 266 15.26 -11.38 7.62
N LYS A 267 15.78 -12.53 8.02
CA LYS A 267 15.07 -13.79 7.78
C LYS A 267 13.74 -13.82 8.53
N LYS A 268 13.73 -13.38 9.79
CA LYS A 268 12.51 -13.42 10.57
C LYS A 268 11.44 -12.48 10.01
N GLU A 269 11.84 -11.27 9.60
CA GLU A 269 10.88 -10.36 8.99
C GLU A 269 10.40 -10.89 7.65
N LEU A 270 11.27 -11.54 6.89
CA LEU A 270 10.86 -12.17 5.65
C LEU A 270 9.82 -13.26 5.90
N GLU A 271 10.02 -14.04 6.97
CA GLU A 271 9.03 -15.08 7.31
C GLU A 271 7.71 -14.45 7.76
N ARG A 272 7.77 -13.36 8.52
CA ARG A 272 6.56 -12.66 8.92
C ARG A 272 5.79 -12.16 7.72
N TYR A 273 6.49 -11.61 6.73
CA TYR A 273 5.86 -11.21 5.47
C TYR A 273 5.28 -12.43 4.76
N ASN A 274 6.03 -13.54 4.75
CA ASN A 274 5.65 -14.73 4.00
C ASN A 274 4.39 -15.38 4.57
N ASN A 275 4.16 -15.29 5.87
CA ASN A 275 2.94 -15.86 6.44
C ASN A 275 1.69 -15.20 5.87
N ASN A 276 1.66 -13.86 5.90
CA ASN A 276 0.55 -13.13 5.30
C ASN A 276 0.51 -13.33 3.79
N LEU A 277 1.67 -13.53 3.16
CA LEU A 277 1.68 -13.86 1.74
C LEU A 277 0.97 -15.18 1.47
N GLU A 278 1.22 -16.19 2.31
CA GLU A 278 0.53 -17.47 2.18
C GLU A 278 -0.97 -17.31 2.35
N GLU A 279 -1.39 -16.53 3.35
CA GLU A 279 -2.81 -16.32 3.56
C GLU A 279 -3.46 -15.64 2.36
N ALA A 280 -2.82 -14.59 1.84
CA ALA A 280 -3.34 -13.90 0.68
C ALA A 280 -3.37 -14.81 -0.55
N LYS A 281 -2.35 -15.65 -0.70
CA LYS A 281 -2.32 -16.57 -1.83
C LYS A 281 -3.46 -17.58 -1.77
N ARG A 282 -3.72 -18.12 -0.58
CA ARG A 282 -4.82 -19.05 -0.40
C ARG A 282 -6.15 -18.38 -0.72
N LEU A 283 -6.35 -17.16 -0.21
CA LEU A 283 -7.61 -16.47 -0.47
C LEU A 283 -7.76 -16.14 -1.96
N GLY A 284 -6.66 -15.79 -2.63
CA GLY A 284 -6.72 -15.54 -4.07
C GLY A 284 -7.03 -16.78 -4.87
N ILE A 285 -6.49 -17.93 -4.45
CA ILE A 285 -6.82 -19.19 -5.11
C ILE A 285 -8.30 -19.50 -4.95
N LYS A 286 -8.85 -19.29 -3.75
CA LYS A 286 -10.28 -19.49 -3.55
C LYS A 286 -11.09 -18.54 -4.41
N LYS A 287 -10.64 -17.29 -4.53
CA LYS A 287 -11.33 -16.31 -5.37
C LYS A 287 -11.36 -16.76 -6.82
N ALA A 288 -10.22 -17.22 -7.34
CA ALA A 288 -10.18 -17.72 -8.71
C ALA A 288 -11.11 -18.91 -8.88
N ILE A 289 -11.10 -19.84 -7.92
CA ILE A 289 -11.96 -21.01 -8.01
C ILE A 289 -13.42 -20.60 -8.11
N THR A 290 -13.86 -19.71 -7.21
CA THR A 290 -15.28 -19.36 -7.20
C THR A 290 -15.67 -18.55 -8.44
N ALA A 291 -14.78 -17.67 -8.91
CA ALA A 291 -15.08 -16.91 -10.13
C ALA A 291 -15.23 -17.83 -11.33
N ASN A 292 -14.35 -18.83 -11.45
CA ASN A 292 -14.43 -19.73 -12.59
C ASN A 292 -15.62 -20.67 -12.49
N ILE A 293 -15.98 -21.11 -11.26
CA ILE A 293 -17.23 -21.84 -11.10
C ILE A 293 -18.41 -21.01 -11.58
N SER A 294 -18.44 -19.73 -11.21
CA SER A 294 -19.55 -18.87 -11.63
C SER A 294 -19.61 -18.76 -13.16
N MET A 295 -18.47 -18.50 -13.79
CA MET A 295 -18.47 -18.32 -15.24
C MET A 295 -18.85 -19.61 -15.97
N GLY A 296 -18.28 -20.74 -15.55
CA GLY A 296 -18.62 -22.01 -16.17
C GLY A 296 -20.08 -22.37 -15.97
N ALA A 297 -20.63 -22.09 -14.78
CA ALA A 297 -22.04 -22.35 -14.54
C ALA A 297 -22.91 -21.48 -15.45
N ALA A 298 -22.51 -20.23 -15.64
CA ALA A 298 -23.27 -19.36 -16.55
C ALA A 298 -23.28 -19.91 -17.97
N PHE A 299 -22.11 -20.36 -18.46
CA PHE A 299 -22.06 -20.92 -19.81
C PHE A 299 -22.88 -22.20 -19.92
N LEU A 300 -22.80 -23.06 -18.91
CA LEU A 300 -23.57 -24.30 -18.92
C LEU A 300 -25.07 -24.01 -18.93
N LEU A 301 -25.50 -23.01 -18.16
CA LEU A 301 -26.91 -22.63 -18.16
C LEU A 301 -27.33 -22.06 -19.50
N ILE A 302 -26.45 -21.31 -20.16
CA ILE A 302 -26.77 -20.78 -21.50
C ILE A 302 -27.00 -21.94 -22.47
N TYR A 303 -26.12 -22.94 -22.43
CA TYR A 303 -26.28 -24.08 -23.32
C TYR A 303 -27.52 -24.90 -22.98
N ALA A 304 -27.84 -25.02 -21.69
CA ALA A 304 -29.07 -25.70 -21.29
C ALA A 304 -30.30 -24.93 -21.80
N SER A 305 -30.22 -23.60 -21.78
CA SER A 305 -31.29 -22.80 -22.36
C SER A 305 -31.43 -23.05 -23.84
N TYR A 306 -30.31 -23.16 -24.57
CA TYR A 306 -30.35 -23.59 -25.96
C TYR A 306 -31.10 -24.90 -26.12
N ALA A 307 -30.72 -25.91 -25.34
CA ALA A 307 -31.32 -27.24 -25.48
C ALA A 307 -32.82 -27.21 -25.20
N LEU A 308 -33.22 -26.54 -24.11
CA LEU A 308 -34.64 -26.50 -23.76
C LEU A 308 -35.43 -25.70 -24.79
N ALA A 309 -34.86 -24.61 -25.29
CA ALA A 309 -35.54 -23.84 -26.34
C ALA A 309 -35.76 -24.68 -27.58
N PHE A 310 -34.75 -25.42 -28.02
CA PHE A 310 -34.93 -26.31 -29.16
C PHE A 310 -35.96 -27.41 -28.91
N TRP A 311 -35.90 -28.08 -27.78
CA TRP A 311 -36.94 -29.07 -27.47
C TRP A 311 -38.32 -28.44 -27.57
N TYR A 312 -38.55 -27.38 -26.78
CA TYR A 312 -39.89 -26.81 -26.74
C TYR A 312 -40.33 -26.32 -28.11
N GLY A 313 -39.42 -25.77 -28.90
CA GLY A 313 -39.77 -25.35 -30.24
C GLY A 313 -40.18 -26.52 -31.12
N THR A 314 -39.49 -27.64 -30.96
CA THR A 314 -39.92 -28.83 -31.74
C THR A 314 -41.31 -29.20 -31.26
N SER A 315 -41.45 -29.32 -29.96
CA SER A 315 -42.74 -29.77 -29.44
C SER A 315 -43.88 -28.91 -29.96
N LEU A 316 -43.70 -27.59 -29.98
CA LEU A 316 -44.72 -26.67 -30.46
C LEU A 316 -44.90 -26.70 -31.97
N VAL A 317 -43.87 -27.08 -32.74
CA VAL A 317 -43.91 -27.00 -34.23
C VAL A 317 -44.46 -28.28 -34.86
N ILE A 318 -44.82 -29.25 -34.04
CA ILE A 318 -45.44 -30.49 -34.54
C ILE A 318 -46.83 -30.31 -34.01
N SER A 319 -46.95 -29.80 -32.80
CA SER A 319 -48.34 -29.64 -32.40
C SER A 319 -49.07 -28.61 -33.25
N LYS A 320 -48.38 -27.96 -34.19
CA LYS A 320 -48.89 -26.94 -35.10
C LYS A 320 -49.22 -25.64 -34.36
N GLU A 321 -48.79 -25.47 -33.11
CA GLU A 321 -49.06 -24.23 -32.39
C GLU A 321 -48.32 -23.04 -32.99
N TYR A 322 -47.04 -23.22 -33.34
CA TYR A 322 -46.23 -22.18 -33.94
C TYR A 322 -45.67 -22.66 -35.26
N SER A 323 -45.30 -21.71 -36.10
CA SER A 323 -44.62 -21.98 -37.36
C SER A 323 -43.10 -22.02 -37.15
N ILE A 324 -42.39 -22.47 -38.18
CA ILE A 324 -40.94 -22.59 -38.09
C ILE A 324 -40.29 -21.21 -37.99
N GLY A 325 -40.82 -20.24 -38.72
CA GLY A 325 -40.28 -18.90 -38.65
C GLY A 325 -40.36 -18.29 -37.26
N GLN A 326 -41.45 -18.58 -36.54
CA GLN A 326 -41.61 -18.04 -35.20
C GLN A 326 -40.52 -18.55 -34.26
N VAL A 327 -40.29 -19.86 -34.25
CA VAL A 327 -39.29 -20.43 -33.36
C VAL A 327 -37.87 -20.04 -33.77
N LEU A 328 -37.56 -19.95 -35.06
CA LEU A 328 -36.27 -19.40 -35.45
C LEU A 328 -36.08 -17.95 -35.02
N THR A 329 -37.12 -17.14 -35.14
CA THR A 329 -37.05 -15.75 -34.70
C THR A 329 -36.76 -15.68 -33.20
N VAL A 330 -37.46 -16.52 -32.43
CA VAL A 330 -37.23 -16.54 -30.98
C VAL A 330 -35.80 -16.96 -30.67
N PHE A 331 -35.31 -18.00 -31.36
CA PHE A 331 -33.94 -18.46 -31.14
C PHE A 331 -32.94 -17.33 -31.40
N PHE A 332 -33.04 -16.70 -32.56
CA PHE A 332 -32.10 -15.66 -32.95
C PHE A 332 -32.19 -14.47 -32.00
N SER A 333 -33.38 -14.21 -31.45
CA SER A 333 -33.54 -13.08 -30.54
C SER A 333 -32.96 -13.36 -29.17
N VAL A 334 -33.10 -14.59 -28.67
CA VAL A 334 -32.84 -14.88 -27.26
C VAL A 334 -31.43 -15.42 -27.03
N LEU A 335 -30.97 -16.32 -27.89
CA LEU A 335 -29.78 -17.10 -27.56
C LEU A 335 -28.51 -16.25 -27.62
N ILE A 336 -28.49 -15.24 -28.50
CA ILE A 336 -27.32 -14.37 -28.57
C ILE A 336 -27.20 -13.51 -27.32
N GLY A 337 -28.31 -13.00 -26.80
CA GLY A 337 -28.27 -12.34 -25.51
C GLY A 337 -27.89 -13.24 -24.36
N ALA A 338 -28.29 -14.52 -24.42
CA ALA A 338 -27.81 -15.49 -23.44
C ALA A 338 -26.29 -15.57 -23.46
N PHE A 339 -25.70 -15.69 -24.66
CA PHE A 339 -24.25 -15.66 -24.77
C PHE A 339 -23.69 -14.34 -24.25
N SER A 340 -24.41 -13.24 -24.45
CA SER A 340 -23.94 -11.95 -23.99
C SER A 340 -23.79 -11.89 -22.48
N VAL A 341 -24.79 -12.40 -21.75
CA VAL A 341 -24.69 -12.39 -20.28
C VAL A 341 -23.61 -13.37 -19.82
N GLY A 342 -23.50 -14.51 -20.51
CA GLY A 342 -22.43 -15.44 -20.19
C GLY A 342 -21.05 -14.81 -20.31
N GLN A 343 -20.86 -13.98 -21.33
CA GLN A 343 -19.63 -13.21 -21.46
C GLN A 343 -19.56 -12.05 -20.47
N ALA A 344 -20.70 -11.56 -20.00
CA ALA A 344 -20.73 -10.39 -19.12
C ALA A 344 -20.22 -10.72 -17.73
N SER A 345 -20.47 -11.95 -17.25
CA SER A 345 -20.18 -12.32 -15.85
C SER A 345 -18.85 -11.83 -15.26
N PRO A 346 -17.75 -11.73 -16.03
CA PRO A 346 -16.52 -11.14 -15.45
C PRO A 346 -16.71 -9.73 -14.88
N ASN A 347 -17.59 -8.92 -15.48
CA ASN A 347 -17.87 -7.61 -14.91
C ASN A 347 -18.54 -7.73 -13.54
N ILE A 348 -19.40 -8.74 -13.37
CA ILE A 348 -19.97 -9.02 -12.06
C ILE A 348 -18.87 -9.40 -11.08
N GLU A 349 -17.90 -10.20 -11.53
CA GLU A 349 -16.77 -10.54 -10.68
C GLU A 349 -16.01 -9.29 -10.23
N ALA A 350 -15.76 -8.38 -11.17
CA ALA A 350 -15.05 -7.14 -10.84
C ALA A 350 -15.82 -6.29 -9.85
N PHE A 351 -17.14 -6.17 -10.05
CA PHE A 351 -17.97 -5.39 -9.13
C PHE A 351 -17.98 -6.00 -7.74
N ALA A 352 -18.02 -7.34 -7.66
CA ALA A 352 -17.97 -8.01 -6.36
C ALA A 352 -16.63 -7.75 -5.67
N ASN A 353 -15.54 -7.80 -6.42
CA ASN A 353 -14.24 -7.47 -5.83
C ASN A 353 -14.21 -6.04 -5.33
N ALA A 354 -14.79 -5.11 -6.09
CA ALA A 354 -14.82 -3.72 -5.65
C ALA A 354 -15.63 -3.56 -4.37
N ARG A 355 -16.77 -4.24 -4.27
CA ARG A 355 -17.58 -4.15 -3.05
C ARG A 355 -16.83 -4.76 -1.87
N GLY A 356 -16.12 -5.87 -2.08
CA GLY A 356 -15.29 -6.41 -1.01
C GLY A 356 -14.18 -5.47 -0.59
N ALA A 357 -13.64 -4.70 -1.54
CA ALA A 357 -12.60 -3.74 -1.21
C ALA A 357 -13.15 -2.55 -0.43
N ALA A 358 -14.36 -2.10 -0.74
CA ALA A 358 -14.90 -0.87 -0.19
C ALA A 358 -15.45 -1.03 1.23
N TYR A 359 -15.11 -2.11 1.93
CA TYR A 359 -15.65 -2.33 3.26
C TYR A 359 -14.93 -1.49 4.31
N GLU A 360 -13.63 -1.76 4.50
CA GLU A 360 -12.88 -1.12 5.57
C GLU A 360 -12.67 0.36 5.32
N VAL A 361 -12.54 0.77 4.05
CA VAL A 361 -12.35 2.18 3.73
C VAL A 361 -13.51 3.00 4.26
N PHE A 362 -14.74 2.59 3.94
CA PHE A 362 -15.90 3.33 4.41
C PHE A 362 -16.27 3.01 5.85
N LYS A 363 -15.75 1.91 6.41
CA LYS A 363 -15.87 1.72 7.85
C LYS A 363 -15.04 2.75 8.60
N ILE A 364 -13.82 3.02 8.13
CA ILE A 364 -12.98 4.04 8.74
C ILE A 364 -13.54 5.43 8.48
N ILE A 365 -14.05 5.67 7.26
CA ILE A 365 -14.60 6.98 6.92
C ILE A 365 -15.76 7.34 7.84
N ASP A 366 -16.61 6.37 8.15
CA ASP A 366 -17.80 6.62 8.96
C ASP A 366 -17.51 6.70 10.46
N ASN A 367 -16.26 6.42 10.88
CA ASN A 367 -15.92 6.51 12.29
C ASN A 367 -15.90 7.96 12.74
N LYS A 368 -16.52 8.23 13.89
CA LYS A 368 -16.56 9.58 14.45
C LYS A 368 -15.76 9.64 15.74
N PRO A 369 -14.64 10.37 15.77
CA PRO A 369 -13.88 10.49 17.02
C PRO A 369 -14.59 11.36 18.04
N SER A 370 -14.32 11.09 19.31
CA SER A 370 -14.88 11.90 20.39
C SER A 370 -14.15 13.24 20.52
N ILE A 371 -12.85 13.27 20.26
CA ILE A 371 -12.06 14.49 20.24
C ILE A 371 -11.79 14.82 18.77
N ASP A 372 -12.53 15.79 18.24
CA ASP A 372 -12.48 16.12 16.83
C ASP A 372 -11.57 17.33 16.63
N SER A 373 -10.42 17.12 15.99
CA SER A 373 -9.50 18.21 15.69
C SER A 373 -9.98 19.08 14.54
N PHE A 374 -10.91 18.59 13.72
CA PHE A 374 -11.44 19.34 12.59
C PHE A 374 -12.76 20.03 12.91
N SER A 375 -13.27 19.87 14.12
CA SER A 375 -14.51 20.51 14.51
C SER A 375 -14.31 22.01 14.69
N LYS A 376 -15.36 22.78 14.38
CA LYS A 376 -15.34 24.23 14.52
C LYS A 376 -16.21 24.69 15.69
N SER A 377 -16.61 23.79 16.58
CA SER A 377 -17.50 24.12 17.69
C SER A 377 -16.69 24.07 18.99
N GLY A 378 -16.34 25.24 19.49
CA GLY A 378 -15.62 25.33 20.76
C GLY A 378 -15.30 26.76 21.08
N HIS A 379 -14.92 26.98 22.35
CA HIS A 379 -14.55 28.32 22.79
C HIS A 379 -13.14 28.66 22.34
N LYS A 380 -12.95 29.93 21.96
CA LYS A 380 -11.64 30.45 21.54
C LYS A 380 -11.37 31.72 22.32
N PRO A 381 -10.86 31.60 23.55
CA PRO A 381 -10.59 32.80 24.36
C PRO A 381 -9.64 33.76 23.64
N ASP A 382 -9.96 35.05 23.72
CA ASP A 382 -9.13 36.06 23.08
C ASP A 382 -7.84 36.30 23.84
N ASN A 383 -7.92 36.35 25.18
CA ASN A 383 -6.77 36.57 26.03
C ASN A 383 -6.65 35.40 27.00
N ILE A 384 -5.46 34.76 27.00
CA ILE A 384 -5.26 33.55 27.85
C ILE A 384 -3.94 33.65 28.63
N GLN A 385 -3.99 34.00 29.92
CA GLN A 385 -2.76 33.93 30.74
C GLN A 385 -2.83 32.54 31.35
N GLY A 386 -1.96 31.60 30.92
CA GLY A 386 -2.13 30.19 31.31
C GLY A 386 -2.28 29.93 32.79
N ASN A 387 -3.33 29.18 33.17
CA ASN A 387 -3.56 28.79 34.59
C ASN A 387 -3.86 27.29 34.57
N LEU A 388 -2.84 26.46 34.34
CA LEU A 388 -3.05 25.00 34.19
C LEU A 388 -3.56 24.36 35.48
N GLU A 389 -4.80 23.85 35.47
CA GLU A 389 -5.36 23.19 36.63
C GLU A 389 -5.67 21.73 36.30
N PHE A 390 -5.13 20.82 37.10
CA PHE A 390 -5.44 19.39 37.04
C PHE A 390 -6.12 19.01 38.34
N LYS A 391 -7.41 18.68 38.27
CA LYS A 391 -8.23 18.40 39.44
C LYS A 391 -8.55 16.91 39.47
N ASN A 392 -7.97 16.21 40.43
CA ASN A 392 -8.19 14.78 40.70
C ASN A 392 -8.29 13.97 39.41
N ILE A 393 -7.28 14.12 38.57
CA ILE A 393 -7.24 13.46 37.27
C ILE A 393 -7.00 11.97 37.47
N HIS A 394 -7.88 11.14 36.93
CA HIS A 394 -7.70 9.70 36.85
C HIS A 394 -7.62 9.33 35.38
N PHE A 395 -6.54 8.65 34.98
CA PHE A 395 -6.35 8.30 33.59
C PHE A 395 -5.85 6.87 33.44
N SER A 396 -6.24 6.25 32.34
CA SER A 396 -5.73 4.94 31.94
C SER A 396 -5.74 4.89 30.41
N TYR A 397 -4.63 4.44 29.85
CA TYR A 397 -4.51 4.45 28.40
C TYR A 397 -5.47 3.46 27.75
N PRO A 398 -6.05 3.82 26.60
CA PRO A 398 -7.05 2.94 25.97
C PRO A 398 -6.50 1.57 25.60
N SER A 399 -5.24 1.47 25.16
CA SER A 399 -4.65 0.19 24.80
C SER A 399 -4.38 -0.69 26.00
N ARG A 400 -4.10 -0.12 27.17
CA ARG A 400 -3.87 -0.85 28.41
C ARG A 400 -4.75 -0.21 29.49
N LYS A 401 -6.01 -0.64 29.55
CA LYS A 401 -7.01 0.11 30.30
C LYS A 401 -7.12 -0.36 31.74
N GLU A 402 -6.66 -1.58 32.03
CA GLU A 402 -6.72 -2.07 33.40
C GLU A 402 -5.67 -1.40 34.27
N VAL A 403 -4.52 -1.06 33.69
CA VAL A 403 -3.47 -0.38 34.43
C VAL A 403 -3.85 1.07 34.65
N GLN A 404 -3.73 1.54 35.90
CA GLN A 404 -3.97 2.93 36.24
C GLN A 404 -2.64 3.68 36.21
N ILE A 405 -2.64 4.86 35.62
CA ILE A 405 -1.42 5.67 35.49
C ILE A 405 -1.47 6.82 36.49
N LEU A 406 -2.54 7.61 36.42
CA LEU A 406 -2.75 8.72 37.34
C LEU A 406 -4.01 8.45 38.15
N LYS A 407 -3.91 8.60 39.47
CA LYS A 407 -5.01 8.32 40.39
C LYS A 407 -5.23 9.57 41.25
N GLY A 408 -6.03 10.51 40.74
CA GLY A 408 -6.28 11.74 41.46
C GLY A 408 -5.14 12.72 41.42
N LEU A 409 -4.55 12.92 40.24
CA LEU A 409 -3.51 13.93 40.07
C LEU A 409 -4.07 15.33 40.30
N ASN A 410 -3.32 16.16 41.01
CA ASN A 410 -3.72 17.52 41.30
C ASN A 410 -2.53 18.45 41.07
N LEU A 411 -2.76 19.53 40.32
CA LEU A 411 -1.71 20.51 40.05
C LEU A 411 -2.34 21.87 39.75
N LYS A 412 -1.70 22.93 40.23
CA LYS A 412 -2.13 24.30 39.98
C LYS A 412 -0.91 25.10 39.56
N VAL A 413 -0.88 25.50 38.29
CA VAL A 413 0.23 26.27 37.73
C VAL A 413 -0.31 27.64 37.35
N LYS A 414 0.27 28.68 37.94
CA LYS A 414 -0.19 30.04 37.71
C LYS A 414 0.40 30.60 36.43
N SER A 415 -0.01 31.82 36.07
CA SER A 415 0.42 32.42 34.83
C SER A 415 1.91 32.76 34.87
N GLY A 416 2.63 32.35 33.83
CA GLY A 416 4.03 32.72 33.67
C GLY A 416 5.00 32.00 34.56
N GLN A 417 4.58 30.95 35.26
CA GLN A 417 5.48 30.21 36.14
C GLN A 417 6.05 28.98 35.44
N THR A 418 7.06 28.40 36.08
CA THR A 418 7.70 27.17 35.63
C THR A 418 7.55 26.10 36.71
N VAL A 419 7.05 24.94 36.31
CA VAL A 419 6.92 23.80 37.22
C VAL A 419 7.75 22.65 36.67
N ALA A 420 8.54 22.04 37.56
CA ALA A 420 9.39 20.92 37.21
C ALA A 420 8.78 19.63 37.73
N LEU A 421 8.43 18.73 36.81
CA LEU A 421 7.81 17.45 37.15
C LEU A 421 8.91 16.42 37.27
N VAL A 422 9.08 15.85 38.47
CA VAL A 422 10.12 14.88 38.73
C VAL A 422 9.49 13.59 39.25
N GLY A 423 10.24 12.51 39.13
CA GLY A 423 9.76 11.21 39.55
C GLY A 423 10.57 10.12 38.89
N ASN A 424 10.00 8.92 38.94
CA ASN A 424 10.63 7.75 38.34
C ASN A 424 10.07 7.49 36.94
N SER A 425 10.66 6.52 36.25
CA SER A 425 10.19 6.14 34.93
C SER A 425 8.81 5.51 35.02
N GLY A 426 7.93 5.88 34.09
CA GLY A 426 6.57 5.39 34.10
C GLY A 426 5.66 6.04 35.11
N GLY A 427 6.10 7.13 35.76
CA GLY A 427 5.26 7.78 36.74
C GLY A 427 4.03 8.42 36.14
N GLY A 428 4.18 9.05 34.98
CA GLY A 428 3.05 9.69 34.33
C GLY A 428 3.29 11.14 33.96
N LYS A 429 4.56 11.56 33.94
CA LYS A 429 4.87 12.93 33.54
C LYS A 429 4.56 13.16 32.06
N SER A 430 5.03 12.25 31.20
CA SER A 430 4.65 12.32 29.79
C SER A 430 3.15 12.15 29.62
N THR A 431 2.52 11.37 30.50
CA THR A 431 1.06 11.27 30.48
C THR A 431 0.41 12.62 30.77
N THR A 432 0.95 13.35 31.74
CA THR A 432 0.43 14.68 32.05
C THR A 432 0.62 15.62 30.86
N VAL A 433 1.79 15.55 30.22
CA VAL A 433 2.05 16.39 29.04
C VAL A 433 1.06 16.07 27.92
N GLN A 434 0.81 14.78 27.70
CA GLN A 434 -0.13 14.39 26.65
C GLN A 434 -1.56 14.80 26.99
N LEU A 435 -1.91 14.77 28.27
CA LEU A 435 -3.25 15.19 28.67
C LEU A 435 -3.43 16.70 28.58
N MET A 436 -2.35 17.47 28.77
CA MET A 436 -2.45 18.92 28.67
C MET A 436 -2.87 19.35 27.26
N GLN A 437 -2.28 18.74 26.24
CA GLN A 437 -2.67 19.01 24.86
C GLN A 437 -3.86 18.19 24.41
N ARG A 438 -4.49 17.46 25.32
CA ARG A 438 -5.71 16.68 25.06
C ARG A 438 -5.52 15.71 23.90
N LEU A 439 -4.49 14.87 24.00
CA LEU A 439 -4.40 13.71 23.13
C LEU A 439 -5.34 12.59 23.59
N TYR A 440 -5.71 12.59 24.87
CA TYR A 440 -6.70 11.68 25.41
C TYR A 440 -7.59 12.45 26.38
N ASP A 441 -8.77 11.92 26.63
CA ASP A 441 -9.55 12.54 27.68
C ASP A 441 -9.44 11.75 28.98
N PRO A 442 -9.36 12.44 30.12
CA PRO A 442 -9.30 11.71 31.39
C PRO A 442 -10.64 11.11 31.76
N LEU A 443 -10.60 9.87 32.27
CA LEU A 443 -11.82 9.22 32.71
C LEU A 443 -12.44 9.95 33.90
N ASP A 444 -11.60 10.47 34.79
CA ASP A 444 -12.06 11.27 35.91
C ASP A 444 -11.11 12.46 36.10
N GLY A 445 -11.62 13.50 36.72
CA GLY A 445 -10.86 14.72 36.93
C GLY A 445 -11.13 15.74 35.84
N MET A 446 -10.49 16.91 35.99
CA MET A 446 -10.68 18.00 35.06
C MET A 446 -9.36 18.68 34.75
N VAL A 447 -9.10 18.90 33.46
CA VAL A 447 -7.99 19.74 33.00
C VAL A 447 -8.57 21.04 32.50
N SER A 448 -8.13 22.16 33.10
CA SER A 448 -8.69 23.46 32.77
C SER A 448 -7.58 24.49 32.59
N ILE A 449 -7.87 25.50 31.78
CA ILE A 449 -6.99 26.64 31.57
C ILE A 449 -7.77 27.90 31.90
N ASP A 450 -7.25 28.70 32.82
CA ASP A 450 -7.90 29.93 33.28
C ASP A 450 -9.31 29.65 33.80
N GLY A 451 -9.47 28.52 34.50
CA GLY A 451 -10.76 28.14 35.03
C GLY A 451 -11.75 27.63 34.01
N GLN A 452 -11.31 27.41 32.77
CA GLN A 452 -12.17 26.92 31.69
C GLN A 452 -11.74 25.51 31.34
N ASP A 453 -12.67 24.56 31.48
CA ASP A 453 -12.38 23.16 31.15
C ASP A 453 -12.02 23.03 29.67
N ILE A 454 -10.95 22.30 29.39
CA ILE A 454 -10.40 22.25 28.04
C ILE A 454 -11.25 21.45 27.08
N ARG A 455 -12.24 20.70 27.56
CA ARG A 455 -13.14 20.00 26.66
C ARG A 455 -14.14 20.94 26.00
N THR A 456 -14.33 22.14 26.55
CA THR A 456 -15.20 23.14 25.96
C THR A 456 -14.46 24.09 25.04
N ILE A 457 -13.14 23.98 24.96
CA ILE A 457 -12.32 24.83 24.10
C ILE A 457 -12.11 24.11 22.77
N ASN A 458 -12.00 24.89 21.69
CA ASN A 458 -11.74 24.32 20.38
C ASN A 458 -10.43 23.52 20.41
N VAL A 459 -10.48 22.30 19.87
CA VAL A 459 -9.33 21.41 19.95
C VAL A 459 -8.15 21.97 19.16
N ARG A 460 -8.40 22.43 17.93
CA ARG A 460 -7.33 23.02 17.13
C ARG A 460 -6.78 24.28 17.79
N TYR A 461 -7.66 25.14 18.30
CA TYR A 461 -7.21 26.33 19.01
C TYR A 461 -6.45 25.96 20.28
N LEU A 462 -6.91 24.94 20.99
CA LEU A 462 -6.22 24.50 22.20
C LEU A 462 -4.81 24.03 21.89
N ARG A 463 -4.64 23.25 20.83
CA ARG A 463 -3.32 22.74 20.49
C ARG A 463 -2.47 23.78 19.77
N GLU A 464 -3.07 24.86 19.27
CA GLU A 464 -2.30 25.91 18.62
C GLU A 464 -1.58 26.79 19.63
N ILE A 465 -2.13 26.95 20.83
CA ILE A 465 -1.55 27.83 21.84
C ILE A 465 -0.57 27.06 22.70
N ILE A 466 -0.30 25.80 22.32
CA ILE A 466 0.60 24.93 23.07
C ILE A 466 1.72 24.49 22.14
N GLY A 467 2.96 24.75 22.54
CA GLY A 467 4.13 24.26 21.84
C GLY A 467 4.82 23.20 22.69
N VAL A 468 5.06 22.04 22.10
CA VAL A 468 5.52 20.87 22.85
C VAL A 468 6.76 20.28 22.19
N VAL A 469 7.75 19.97 23.01
CA VAL A 469 8.92 19.18 22.61
C VAL A 469 8.83 17.85 23.34
N SER A 470 8.89 16.76 22.59
CA SER A 470 8.66 15.43 23.15
C SER A 470 9.95 14.84 23.73
N GLN A 471 9.83 13.64 24.28
CA GLN A 471 10.97 12.99 24.91
C GLN A 471 12.06 12.65 23.89
N GLU A 472 11.69 11.98 22.80
CA GLU A 472 12.67 11.81 21.68
C GLU A 472 12.00 12.37 20.41
N PRO A 473 12.32 13.58 19.91
CA PRO A 473 11.59 14.27 18.84
C PRO A 473 11.63 13.50 17.53
N VAL A 474 10.63 13.77 16.68
CA VAL A 474 10.52 13.17 15.37
C VAL A 474 10.33 14.27 14.35
N LEU A 475 11.16 14.29 13.33
CA LEU A 475 11.05 15.24 12.23
C LEU A 475 10.39 14.57 11.02
N PHE A 476 10.36 15.29 9.91
CA PHE A 476 9.75 14.81 8.69
C PHE A 476 10.77 14.83 7.56
N ALA A 477 10.59 13.94 6.59
CA ALA A 477 11.55 13.81 5.49
C ALA A 477 11.42 14.97 4.52
N THR A 478 11.90 16.14 4.93
CA THR A 478 11.91 17.33 4.10
C THR A 478 13.11 18.19 4.51
N THR A 479 13.11 19.45 4.09
CA THR A 479 14.19 20.35 4.45
C THR A 479 14.02 20.82 5.90
N ILE A 480 15.09 21.42 6.42
CA ILE A 480 15.04 21.96 7.78
C ILE A 480 14.03 23.10 7.86
N ALA A 481 13.99 23.94 6.84
CA ALA A 481 13.06 25.07 6.85
C ALA A 481 11.61 24.60 6.87
N GLU A 482 11.29 23.56 6.09
CA GLU A 482 9.92 23.06 6.09
C GLU A 482 9.58 22.37 7.41
N ASN A 483 10.55 21.70 8.03
CA ASN A 483 10.33 21.11 9.34
C ASN A 483 10.04 22.19 10.38
N ILE A 484 10.75 23.31 10.32
CA ILE A 484 10.49 24.41 11.24
C ILE A 484 9.13 25.03 10.96
N ARG A 485 8.79 25.20 9.68
CA ARG A 485 7.50 25.78 9.30
C ARG A 485 6.32 24.91 9.71
N TYR A 486 6.55 23.63 10.02
CA TYR A 486 5.46 22.79 10.49
C TYR A 486 4.92 23.24 11.84
N GLY A 487 5.73 23.93 12.64
CA GLY A 487 5.21 24.52 13.86
C GLY A 487 4.24 25.65 13.59
N ARG A 488 4.58 26.53 12.65
CA ARG A 488 3.71 27.63 12.26
C ARG A 488 3.97 27.93 10.79
N GLU A 489 2.94 27.82 9.95
CA GLU A 489 3.14 27.92 8.52
C GLU A 489 3.46 29.35 8.08
N ASP A 490 2.70 30.33 8.59
CA ASP A 490 2.87 31.72 8.17
C ASP A 490 3.99 32.37 8.99
N VAL A 491 5.20 31.87 8.77
CA VAL A 491 6.38 32.31 9.50
C VAL A 491 7.37 32.89 8.50
N THR A 492 7.98 34.01 8.86
CA THR A 492 8.96 34.66 8.00
C THR A 492 10.36 34.09 8.28
N MET A 493 11.25 34.26 7.31
CA MET A 493 12.59 33.71 7.43
C MET A 493 13.39 34.37 8.55
N ASP A 494 13.16 35.67 8.80
CA ASP A 494 13.90 36.35 9.85
C ASP A 494 13.61 35.76 11.23
N GLU A 495 12.34 35.53 11.53
CA GLU A 495 11.99 34.95 12.82
C GLU A 495 12.28 33.46 12.88
N ILE A 496 12.31 32.75 11.74
CA ILE A 496 12.87 31.40 11.73
C ILE A 496 14.33 31.44 12.17
N GLU A 497 15.10 32.38 11.61
CA GLU A 497 16.50 32.52 12.01
C GLU A 497 16.62 32.88 13.48
N LYS A 498 15.74 33.75 13.97
CA LYS A 498 15.76 34.12 15.38
C LYS A 498 15.49 32.92 16.28
N ALA A 499 14.51 32.09 15.91
CA ALA A 499 14.22 30.91 16.71
C ALA A 499 15.35 29.89 16.66
N VAL A 500 15.97 29.73 15.49
CA VAL A 500 17.10 28.81 15.36
C VAL A 500 18.27 29.30 16.21
N LYS A 501 18.50 30.60 16.26
CA LYS A 501 19.48 31.15 17.19
C LYS A 501 19.09 30.87 18.63
N GLU A 502 17.80 31.00 18.94
CA GLU A 502 17.31 30.74 20.29
C GLU A 502 17.48 29.27 20.67
N ALA A 503 17.55 28.38 19.68
CA ALA A 503 17.70 26.95 19.90
C ALA A 503 19.14 26.46 19.76
N ASN A 504 20.09 27.38 19.56
CA ASN A 504 21.51 27.03 19.37
C ASN A 504 21.70 26.05 18.22
N ALA A 505 20.93 26.25 17.15
CA ALA A 505 21.06 25.43 15.96
C ALA A 505 21.65 26.18 14.77
N TYR A 506 21.88 27.49 14.91
CA TYR A 506 22.28 28.31 13.76
C TYR A 506 23.61 27.86 13.18
N ASP A 507 24.56 27.48 14.05
CA ASP A 507 25.93 27.23 13.59
C ASP A 507 26.01 26.04 12.64
N PHE A 508 25.42 24.91 13.02
CA PHE A 508 25.57 23.72 12.20
C PHE A 508 24.74 23.81 10.91
N ILE A 509 23.61 24.52 10.95
CA ILE A 509 22.87 24.77 9.72
C ILE A 509 23.66 25.70 8.80
N MET A 510 24.35 26.68 9.37
CA MET A 510 25.20 27.55 8.55
C MET A 510 26.36 26.78 7.95
N LYS A 511 26.92 25.82 8.69
CA LYS A 511 28.00 25.00 8.17
C LYS A 511 27.51 24.06 7.08
N LEU A 512 26.20 23.77 7.07
CA LEU A 512 25.61 22.83 6.07
C LEU A 512 25.49 23.51 4.70
N PRO A 513 25.86 22.85 3.59
CA PRO A 513 25.67 23.41 2.25
C PRO A 513 24.16 23.51 1.97
N HIS A 514 23.72 24.56 1.27
CA HIS A 514 22.27 24.77 0.95
C HIS A 514 21.54 25.31 2.20
N GLN A 515 22.28 25.56 3.29
CA GLN A 515 21.68 26.16 4.50
C GLN A 515 20.50 25.31 4.98
N PHE A 516 19.35 25.96 5.19
CA PHE A 516 18.13 25.39 5.78
C PHE A 516 17.33 24.62 4.76
N ASP A 517 17.93 24.37 3.62
CA ASP A 517 17.27 23.60 2.57
C ASP A 517 17.92 22.25 2.58
N THR A 518 18.68 21.92 3.60
CA THR A 518 19.26 20.57 3.74
C THR A 518 18.13 19.56 3.91
N LEU A 519 18.18 18.45 3.20
CA LEU A 519 17.16 17.42 3.43
C LEU A 519 17.58 16.46 4.54
N VAL A 520 16.66 16.14 5.45
CA VAL A 520 16.90 15.26 6.63
C VAL A 520 16.14 13.94 6.33
N GLY A 521 16.55 12.85 6.91
CA GLY A 521 15.95 11.55 6.64
C GLY A 521 14.62 11.40 7.34
N GLU A 522 14.09 10.18 7.27
CA GLU A 522 12.86 9.86 7.96
C GLU A 522 13.05 10.05 9.47
N ARG A 523 12.15 10.80 10.09
CA ARG A 523 12.21 11.10 11.52
C ARG A 523 13.51 11.80 11.90
N GLY A 524 14.10 12.53 10.97
CA GLY A 524 15.39 13.16 11.20
C GLY A 524 16.54 12.19 11.35
N ALA A 525 16.55 11.12 10.55
CA ALA A 525 17.60 10.11 10.67
C ALA A 525 18.93 10.56 10.08
N GLN A 526 18.94 11.60 9.26
CA GLN A 526 20.17 12.11 8.67
C GLN A 526 20.74 13.28 9.45
N LEU A 527 20.21 13.54 10.65
CA LEU A 527 20.77 14.50 11.59
C LEU A 527 21.15 13.76 12.87
N SER A 528 22.07 14.35 13.62
CA SER A 528 22.44 13.76 14.89
C SER A 528 21.34 14.01 15.92
N GLY A 529 21.44 13.32 17.06
CA GLY A 529 20.41 13.43 18.08
C GLY A 529 20.26 14.85 18.61
N GLY A 530 21.39 15.49 18.92
CA GLY A 530 21.32 16.85 19.43
C GLY A 530 20.82 17.84 18.39
N GLN A 531 21.28 17.70 17.14
CA GLN A 531 20.80 18.57 16.07
C GLN A 531 19.30 18.37 15.84
N LYS A 532 18.83 17.12 15.85
CA LYS A 532 17.41 16.86 15.69
C LYS A 532 16.61 17.48 16.83
N GLN A 533 17.10 17.34 18.06
CA GLN A 533 16.40 17.92 19.21
C GLN A 533 16.37 19.43 19.14
N ARG A 534 17.46 20.05 18.69
CA ARG A 534 17.48 21.51 18.57
C ARG A 534 16.55 22.00 17.46
N ILE A 535 16.46 21.25 16.36
CA ILE A 535 15.50 21.58 15.31
C ILE A 535 14.09 21.48 15.84
N ALA A 536 13.81 20.46 16.65
CA ALA A 536 12.49 20.34 17.28
C ALA A 536 12.22 21.51 18.22
N ILE A 537 13.24 21.94 18.97
CA ILE A 537 13.08 23.08 19.86
C ILE A 537 12.74 24.34 19.07
N ALA A 538 13.43 24.55 17.94
CA ALA A 538 13.14 25.70 17.10
C ALA A 538 11.73 25.62 16.53
N ARG A 539 11.30 24.41 16.12
CA ARG A 539 9.95 24.22 15.62
C ARG A 539 8.92 24.57 16.69
N ALA A 540 9.18 24.19 17.94
CA ALA A 540 8.28 24.56 19.02
C ALA A 540 8.31 26.06 19.31
N LEU A 541 9.47 26.69 19.12
CA LEU A 541 9.62 28.11 19.45
C LEU A 541 8.97 29.02 18.42
N VAL A 542 8.97 28.62 17.14
CA VAL A 542 8.32 29.47 16.13
C VAL A 542 6.81 29.53 16.34
N ARG A 543 6.25 28.62 17.13
CA ARG A 543 4.83 28.65 17.43
C ARG A 543 4.43 29.85 18.29
N ASN A 544 5.40 30.48 18.96
CA ASN A 544 5.14 31.52 19.94
C ASN A 544 4.11 31.06 20.96
N PRO A 545 4.36 29.97 21.68
CA PRO A 545 3.32 29.39 22.53
C PRO A 545 3.20 30.09 23.87
N LYS A 546 1.96 30.29 24.29
CA LYS A 546 1.69 30.74 25.65
C LYS A 546 1.71 29.59 26.65
N ILE A 547 1.66 28.35 26.18
CA ILE A 547 1.82 27.16 27.00
C ILE A 547 2.92 26.31 26.37
N LEU A 548 4.03 26.18 27.08
CA LEU A 548 5.19 25.43 26.61
C LEU A 548 5.29 24.12 27.38
N LEU A 549 5.57 23.04 26.67
CA LEU A 549 5.78 21.72 27.27
C LEU A 549 7.13 21.22 26.79
N LEU A 550 7.99 20.85 27.72
CA LEU A 550 9.36 20.41 27.41
C LEU A 550 9.60 19.09 28.11
N ASP A 551 9.30 17.98 27.43
CA ASP A 551 9.51 16.64 28.00
C ASP A 551 10.91 16.19 27.61
N GLU A 552 11.87 16.45 28.51
CA GLU A 552 13.27 16.08 28.32
C GLU A 552 13.81 16.65 27.00
N ALA A 553 13.70 17.98 26.88
CA ALA A 553 14.07 18.66 25.65
C ALA A 553 15.58 18.75 25.44
N THR A 554 16.38 18.45 26.46
CA THR A 554 17.84 18.54 26.37
C THR A 554 18.50 17.19 26.61
N SER A 555 17.79 16.10 26.30
CA SER A 555 18.33 14.77 26.54
C SER A 555 19.57 14.50 25.69
N ALA A 556 19.53 14.88 24.42
CA ALA A 556 20.63 14.62 23.49
C ALA A 556 21.59 15.80 23.36
N LEU A 557 21.36 16.89 24.10
CA LEU A 557 22.23 18.05 24.02
C LEU A 557 23.48 17.85 24.88
N ASP A 558 24.46 18.72 24.66
CA ASP A 558 25.67 18.76 25.46
C ASP A 558 25.65 19.99 26.37
N THR A 559 26.72 20.16 27.15
CA THR A 559 26.71 21.17 28.22
C THR A 559 26.51 22.58 27.67
N GLU A 560 27.27 22.94 26.63
CA GLU A 560 27.18 24.30 26.10
C GLU A 560 25.82 24.57 25.47
N SER A 561 25.35 23.65 24.64
CA SER A 561 24.04 23.82 24.00
C SER A 561 22.93 23.85 25.03
N GLU A 562 23.00 22.95 26.02
CA GLU A 562 21.98 22.94 27.07
C GLU A 562 21.96 24.25 27.84
N ALA A 563 23.15 24.77 28.19
CA ALA A 563 23.22 26.01 28.95
C ALA A 563 22.65 27.19 28.14
N VAL A 564 23.03 27.29 26.87
CA VAL A 564 22.57 28.43 26.08
C VAL A 564 21.07 28.31 25.79
N VAL A 565 20.56 27.09 25.60
CA VAL A 565 19.12 26.92 25.40
C VAL A 565 18.36 27.31 26.66
N GLN A 566 18.86 26.91 27.83
CA GLN A 566 18.20 27.30 29.08
C GLN A 566 18.23 28.81 29.26
N ALA A 567 19.34 29.46 28.92
CA ALA A 567 19.40 30.92 29.00
C ALA A 567 18.38 31.55 28.06
N ALA A 568 18.28 31.03 26.83
CA ALA A 568 17.34 31.60 25.86
C ALA A 568 15.90 31.42 26.31
N LEU A 569 15.58 30.26 26.89
CA LEU A 569 14.23 30.04 27.41
C LEU A 569 13.95 30.94 28.62
N ASP A 570 14.96 31.16 29.46
CA ASP A 570 14.79 32.04 30.61
C ASP A 570 14.61 33.48 30.18
N LYS A 571 15.15 33.86 29.01
CA LYS A 571 14.97 35.23 28.53
C LYS A 571 13.50 35.54 28.27
N ALA A 572 12.76 34.59 27.69
CA ALA A 572 11.36 34.79 27.33
C ALA A 572 10.43 33.90 28.15
N ARG A 573 10.71 33.78 29.45
CA ARG A 573 9.89 32.93 30.31
C ARG A 573 8.69 33.65 30.90
N GLU A 574 8.73 34.99 30.98
CA GLU A 574 7.66 35.73 31.63
C GLU A 574 6.39 35.72 30.80
N GLY A 575 6.53 35.76 29.47
CA GLY A 575 5.36 35.85 28.60
C GLY A 575 4.49 34.61 28.64
N ARG A 576 5.07 33.44 28.84
CA ARG A 576 4.36 32.18 28.72
C ARG A 576 4.48 31.36 30.00
N THR A 577 3.59 30.38 30.12
CA THR A 577 3.63 29.40 31.20
C THR A 577 4.18 28.09 30.65
N THR A 578 5.11 27.48 31.38
CA THR A 578 5.81 26.30 30.88
C THR A 578 5.79 25.17 31.90
N ILE A 579 5.77 23.95 31.37
CA ILE A 579 5.89 22.71 32.13
C ILE A 579 7.12 21.99 31.59
N VAL A 580 8.01 21.57 32.49
CA VAL A 580 9.29 21.00 32.10
C VAL A 580 9.51 19.69 32.85
N ILE A 581 10.00 18.69 32.12
CA ILE A 581 10.49 17.44 32.67
C ILE A 581 11.94 17.29 32.22
N ALA A 582 12.85 17.09 33.17
CA ALA A 582 14.26 17.05 32.83
C ALA A 582 15.01 16.21 33.85
N HIS A 583 16.23 15.80 33.47
CA HIS A 583 17.10 15.02 34.34
C HIS A 583 18.15 15.87 35.03
N ARG A 584 18.67 16.90 34.36
CA ARG A 584 19.67 17.76 34.97
C ARG A 584 19.07 18.50 36.17
N LEU A 585 19.89 18.71 37.20
CA LEU A 585 19.39 19.26 38.46
C LEU A 585 19.31 20.78 38.43
N SER A 586 20.12 21.44 37.60
CA SER A 586 20.10 22.90 37.55
C SER A 586 18.76 23.42 37.05
N THR A 587 18.23 22.80 35.98
CA THR A 587 16.96 23.26 35.44
C THR A 587 15.79 22.95 36.36
N VAL A 588 15.87 21.87 37.13
CA VAL A 588 14.84 21.59 38.12
C VAL A 588 14.91 22.58 39.26
N ARG A 589 16.12 22.92 39.71
CA ARG A 589 16.27 23.90 40.77
C ARG A 589 15.76 25.28 40.33
N ASN A 590 16.05 25.67 39.09
CA ASN A 590 15.67 26.98 38.60
C ASN A 590 14.18 27.11 38.34
N ALA A 591 13.43 26.02 38.38
CA ALA A 591 11.99 26.09 38.18
C ALA A 591 11.33 26.82 39.35
N ASP A 592 10.21 27.49 39.07
CA ASP A 592 9.52 28.23 40.11
C ASP A 592 8.96 27.30 41.17
N VAL A 593 8.27 26.24 40.76
CA VAL A 593 7.76 25.23 41.68
C VAL A 593 8.13 23.85 41.15
N ILE A 594 8.17 22.88 42.04
CA ILE A 594 8.60 21.52 41.72
C ILE A 594 7.54 20.55 42.24
N ALA A 595 7.11 19.64 41.37
CA ALA A 595 6.15 18.60 41.73
C ALA A 595 6.79 17.23 41.63
N GLY A 596 6.46 16.35 42.57
CA GLY A 596 7.02 15.02 42.60
C GLY A 596 5.98 13.92 42.49
N PHE A 597 6.21 12.98 41.57
CA PHE A 597 5.25 11.92 41.29
C PHE A 597 5.54 10.71 42.17
N ASP A 598 4.48 10.09 42.68
CA ASP A 598 4.61 8.86 43.47
C ASP A 598 3.29 8.11 43.42
N GLY A 599 3.26 7.01 42.67
CA GLY A 599 2.07 6.19 42.60
C GLY A 599 0.85 6.87 42.02
N GLY A 600 1.02 7.63 40.94
CA GLY A 600 -0.09 8.28 40.29
C GLY A 600 -0.53 9.59 40.89
N VAL A 601 0.07 10.03 41.99
CA VAL A 601 -0.29 11.29 42.63
C VAL A 601 0.95 12.16 42.73
N ILE A 602 0.76 13.40 43.15
CA ILE A 602 1.86 14.32 43.44
C ILE A 602 1.98 14.43 44.95
N VAL A 603 3.14 14.07 45.48
CA VAL A 603 3.35 14.04 46.93
C VAL A 603 4.12 15.24 47.44
N GLU A 604 4.95 15.87 46.62
CA GLU A 604 5.70 17.06 47.01
C GLU A 604 5.42 18.17 46.00
N GLN A 605 5.08 19.35 46.50
CA GLN A 605 4.79 20.49 45.65
C GLN A 605 5.19 21.76 46.38
N GLY A 606 6.24 22.41 45.92
CA GLY A 606 6.69 23.63 46.56
C GLY A 606 7.97 24.14 45.93
N ASN A 607 8.57 25.12 46.59
CA ASN A 607 9.82 25.69 46.13
C ASN A 607 10.95 24.69 46.31
N HIS A 608 12.10 25.00 45.70
CA HIS A 608 13.26 24.11 45.81
C HIS A 608 13.72 23.98 47.26
N ASP A 609 13.77 25.10 47.98
CA ASP A 609 14.16 25.04 49.39
C ASP A 609 13.14 24.27 50.23
N GLU A 610 11.84 24.49 49.97
CA GLU A 610 10.82 23.81 50.74
C GLU A 610 10.90 22.30 50.54
N LEU A 611 11.04 21.86 49.29
CA LEU A 611 11.14 20.42 49.02
C LEU A 611 12.47 19.87 49.53
N MET A 612 13.52 20.68 49.53
CA MET A 612 14.79 20.26 50.09
C MET A 612 14.68 20.00 51.58
N ARG A 613 13.93 20.84 52.29
CA ARG A 613 13.73 20.69 53.72
C ARG A 613 12.59 19.74 54.08
N GLU A 614 11.80 19.30 53.09
CA GLU A 614 10.76 18.31 53.33
C GLU A 614 11.28 16.88 53.26
N LYS A 615 12.56 16.69 52.95
CA LYS A 615 13.23 15.39 52.84
C LYS A 615 12.35 14.34 52.15
N GLY A 616 11.72 14.73 51.04
CA GLY A 616 10.87 13.83 50.30
C GLY A 616 11.60 13.09 49.19
N ILE A 617 10.88 12.73 48.12
CA ILE A 617 11.49 12.02 47.01
C ILE A 617 12.46 12.91 46.27
N TYR A 618 12.14 14.20 46.13
CA TYR A 618 13.05 15.13 45.49
C TYR A 618 14.37 15.21 46.25
N PHE A 619 14.31 15.06 47.58
CA PHE A 619 15.52 15.04 48.39
C PHE A 619 16.43 13.88 48.00
N LYS A 620 15.88 12.67 47.94
CA LYS A 620 16.72 11.52 47.60
C LYS A 620 17.12 11.53 46.13
N LEU A 621 16.39 12.27 45.30
CA LEU A 621 16.82 12.47 43.91
C LEU A 621 18.03 13.37 43.84
N VAL A 622 18.01 14.50 44.56
CA VAL A 622 19.15 15.42 44.50
C VAL A 622 20.36 14.84 45.23
N MET A 623 20.13 14.06 46.29
CA MET A 623 21.26 13.44 46.98
C MET A 623 21.96 12.41 46.11
N THR A 624 21.19 11.62 45.37
CA THR A 624 21.78 10.58 44.54
C THR A 624 22.48 11.21 43.34
N GLN A 625 23.81 11.12 43.32
CA GLN A 625 24.60 11.70 42.24
C GLN A 625 26.00 11.09 42.22
N ASP A 687 15.42 1.82 -21.03
CA ASP A 687 14.55 1.82 -22.23
C ASP A 687 13.26 1.02 -21.96
N VAL A 688 12.96 0.72 -20.69
CA VAL A 688 11.77 -0.11 -20.30
C VAL A 688 11.49 -1.19 -21.34
N PRO A 689 12.28 -2.29 -21.41
CA PRO A 689 12.10 -3.31 -22.45
C PRO A 689 10.81 -4.14 -22.37
N PRO A 690 10.15 -4.45 -23.51
CA PRO A 690 8.95 -5.32 -23.53
C PRO A 690 9.28 -6.76 -23.10
N ALA A 691 10.55 -7.18 -23.27
CA ALA A 691 10.97 -8.56 -22.96
C ALA A 691 10.81 -8.87 -21.46
N SER A 692 10.70 -7.83 -20.62
CA SER A 692 10.62 -8.03 -19.15
C SER A 692 9.41 -8.91 -18.80
N PHE A 693 8.29 -8.75 -19.51
CA PHE A 693 7.09 -9.60 -19.28
C PHE A 693 7.49 -11.09 -19.35
N TRP A 694 8.06 -11.54 -20.48
CA TRP A 694 8.47 -12.93 -20.64
C TRP A 694 9.52 -13.31 -19.60
N ARG A 695 10.38 -12.36 -19.21
CA ARG A 695 11.37 -12.64 -18.17
C ARG A 695 10.70 -12.93 -16.84
N ILE A 696 9.65 -12.17 -16.50
CA ILE A 696 8.93 -12.43 -15.25
C ILE A 696 8.15 -13.73 -15.34
N LEU A 697 7.51 -13.99 -16.48
CA LEU A 697 6.79 -15.25 -16.65
C LEU A 697 7.73 -16.45 -16.63
N LYS A 698 9.00 -16.26 -16.92
CA LYS A 698 9.97 -17.35 -16.79
C LYS A 698 10.14 -17.76 -15.33
N LEU A 699 10.01 -16.82 -14.40
CA LEU A 699 9.99 -17.18 -12.98
C LEU A 699 8.76 -17.97 -12.59
N ASN A 700 7.75 -18.01 -13.46
CA ASN A 700 6.51 -18.75 -13.23
C ASN A 700 6.56 -20.16 -13.82
N SER A 701 7.73 -20.59 -14.30
CA SER A 701 7.86 -21.85 -15.02
C SER A 701 7.76 -23.09 -14.12
N THR A 702 7.81 -22.92 -12.80
CA THR A 702 7.75 -24.09 -11.92
C THR A 702 6.42 -24.83 -12.07
N GLU A 703 5.32 -24.10 -12.11
CA GLU A 703 4.00 -24.70 -12.34
C GLU A 703 3.58 -24.54 -13.79
N TRP A 704 4.34 -25.20 -14.66
CA TRP A 704 4.06 -25.27 -16.09
C TRP A 704 2.89 -26.19 -16.45
N PRO A 705 2.60 -27.28 -15.71
CA PRO A 705 1.40 -28.06 -16.04
C PRO A 705 0.12 -27.25 -15.98
N TYR A 706 0.03 -26.31 -15.04
CA TYR A 706 -1.12 -25.40 -15.04
C TYR A 706 -1.18 -24.60 -16.33
N PHE A 707 -0.03 -24.12 -16.80
CA PHE A 707 0.01 -23.39 -18.07
C PHE A 707 -0.49 -24.25 -19.23
N VAL A 708 0.00 -25.48 -19.33
CA VAL A 708 -0.36 -26.29 -20.49
C VAL A 708 -1.84 -26.68 -20.44
N VAL A 709 -2.35 -27.00 -19.24
CA VAL A 709 -3.76 -27.34 -19.10
C VAL A 709 -4.64 -26.14 -19.45
N GLY A 710 -4.27 -24.96 -18.94
CA GLY A 710 -5.03 -23.76 -19.26
C GLY A 710 -4.97 -23.44 -20.74
N ILE A 711 -3.82 -23.66 -21.37
CA ILE A 711 -3.71 -23.45 -22.82
C ILE A 711 -4.66 -24.37 -23.56
N PHE A 712 -4.68 -25.66 -23.19
CA PHE A 712 -5.56 -26.60 -23.87
C PHE A 712 -7.02 -26.19 -23.72
N ALA A 713 -7.43 -25.83 -22.50
CA ALA A 713 -8.81 -25.42 -22.30
C ALA A 713 -9.14 -24.14 -23.05
N ALA A 714 -8.18 -23.21 -23.11
CA ALA A 714 -8.40 -21.96 -23.85
C ALA A 714 -8.59 -22.22 -25.33
N ILE A 715 -7.75 -23.08 -25.92
CA ILE A 715 -7.97 -23.46 -27.32
C ILE A 715 -9.33 -24.12 -27.49
N ILE A 716 -9.70 -25.00 -26.56
CA ILE A 716 -10.97 -25.70 -26.70
C ILE A 716 -12.13 -24.72 -26.75
N ASN A 717 -12.21 -23.78 -25.81
CA ASN A 717 -13.37 -22.89 -25.80
C ASN A 717 -13.30 -21.85 -26.91
N GLY A 718 -12.10 -21.28 -27.15
CA GLY A 718 -11.95 -20.30 -28.19
C GLY A 718 -12.27 -20.85 -29.57
N GLY A 719 -11.93 -22.11 -29.82
CA GLY A 719 -12.29 -22.72 -31.09
C GLY A 719 -13.73 -23.20 -31.10
N LEU A 720 -14.27 -23.53 -29.92
CA LEU A 720 -15.66 -23.99 -29.86
C LEU A 720 -16.61 -22.85 -30.21
N GLN A 721 -16.25 -21.61 -29.89
CA GLN A 721 -17.14 -20.49 -30.20
C GLN A 721 -17.44 -20.39 -31.70
N PRO A 722 -16.44 -20.26 -32.60
CA PRO A 722 -16.76 -20.33 -34.03
C PRO A 722 -17.31 -21.69 -34.44
N ALA A 723 -16.84 -22.77 -33.80
CA ALA A 723 -17.39 -24.08 -34.08
C ALA A 723 -18.86 -24.15 -33.72
N PHE A 724 -19.24 -23.56 -32.58
CA PHE A 724 -20.66 -23.50 -32.24
C PHE A 724 -21.42 -22.63 -33.23
N SER A 725 -20.77 -21.61 -33.80
CA SER A 725 -21.41 -20.83 -34.85
C SER A 725 -21.80 -21.69 -36.04
N VAL A 726 -20.96 -22.64 -36.43
CA VAL A 726 -21.27 -23.55 -37.53
C VAL A 726 -22.30 -24.60 -37.11
N ILE A 727 -22.17 -25.11 -35.88
CA ILE A 727 -23.09 -26.14 -35.39
C ILE A 727 -24.52 -25.60 -35.32
N PHE A 728 -24.68 -24.37 -34.83
CA PHE A 728 -26.01 -23.77 -34.75
C PHE A 728 -26.63 -23.61 -36.14
N SER A 729 -25.83 -23.18 -37.11
CA SER A 729 -26.34 -23.02 -38.47
C SER A 729 -26.76 -24.37 -39.06
N LYS A 730 -25.93 -25.40 -38.88
CA LYS A 730 -26.27 -26.72 -39.39
C LYS A 730 -27.54 -27.27 -38.73
N VAL A 731 -27.65 -27.08 -37.41
CA VAL A 731 -28.83 -27.56 -36.69
C VAL A 731 -30.08 -26.82 -37.15
N VAL A 732 -29.97 -25.51 -37.37
CA VAL A 732 -31.11 -24.74 -37.86
C VAL A 732 -31.51 -25.22 -39.26
N GLY A 733 -30.53 -25.45 -40.13
CA GLY A 733 -30.82 -25.94 -41.46
C GLY A 733 -31.51 -27.28 -41.45
N VAL A 734 -31.05 -28.20 -40.59
CA VAL A 734 -31.70 -29.51 -40.49
C VAL A 734 -33.10 -29.37 -39.92
N PHE A 735 -33.29 -28.42 -39.00
CA PHE A 735 -34.61 -28.26 -38.33
C PHE A 735 -35.61 -27.69 -39.31
N THR A 736 -35.15 -26.83 -40.20
CA THR A 736 -36.03 -26.27 -41.22
C THR A 736 -36.47 -27.30 -42.25
N ASN A 737 -35.54 -28.15 -42.61
CA ASN A 737 -35.78 -29.21 -43.59
C ASN A 737 -36.42 -30.36 -42.84
N GLY A 738 -37.65 -30.22 -42.36
CA GLY A 738 -38.30 -31.39 -41.74
C GLY A 738 -38.94 -32.26 -42.81
N GLY A 739 -38.22 -32.66 -43.86
CA GLY A 739 -38.81 -33.40 -45.00
C GLY A 739 -39.52 -34.66 -44.54
N PRO A 740 -38.91 -35.57 -43.73
CA PRO A 740 -39.63 -36.67 -43.08
C PRO A 740 -40.50 -35.94 -42.05
N PRO A 741 -41.79 -36.28 -41.87
CA PRO A 741 -42.70 -35.47 -41.06
C PRO A 741 -42.69 -35.15 -39.55
N GLU A 742 -42.55 -36.10 -38.63
CA GLU A 742 -42.70 -35.72 -37.20
C GLU A 742 -41.69 -36.40 -36.25
N THR A 743 -41.76 -37.72 -36.07
CA THR A 743 -40.90 -38.45 -35.11
C THR A 743 -39.44 -38.28 -35.51
N GLN A 744 -39.19 -38.13 -36.80
CA GLN A 744 -37.82 -37.89 -37.30
C GLN A 744 -37.35 -36.61 -36.63
N ARG A 745 -38.29 -35.74 -36.29
CA ARG A 745 -37.90 -34.42 -35.77
C ARG A 745 -37.97 -34.48 -34.27
N GLN A 746 -38.84 -35.33 -33.72
CA GLN A 746 -38.74 -35.54 -32.27
C GLN A 746 -37.33 -36.09 -32.09
N ASN A 747 -36.85 -36.93 -33.01
CA ASN A 747 -35.52 -37.59 -32.88
C ASN A 747 -34.42 -36.55 -32.92
N SER A 748 -34.70 -35.39 -33.52
CA SER A 748 -33.69 -34.32 -33.60
C SER A 748 -33.41 -33.80 -32.19
N ASN A 749 -34.03 -34.39 -31.16
CA ASN A 749 -33.80 -34.06 -29.72
C ASN A 749 -32.31 -34.32 -29.47
N LEU A 750 -31.70 -35.11 -30.34
CA LEU A 750 -30.26 -35.37 -30.27
C LEU A 750 -29.51 -34.04 -30.28
N PHE A 751 -30.06 -32.98 -30.88
CA PHE A 751 -29.39 -31.66 -30.82
C PHE A 751 -29.37 -31.16 -29.38
N SER A 752 -30.46 -31.36 -28.63
CA SER A 752 -30.47 -30.95 -27.20
C SER A 752 -29.42 -31.75 -26.50
N LEU A 753 -29.24 -33.00 -26.91
CA LEU A 753 -28.16 -33.80 -26.33
C LEU A 753 -26.87 -33.02 -26.61
N LEU A 754 -26.62 -32.78 -27.87
CA LEU A 754 -25.35 -32.16 -28.23
C LEU A 754 -25.18 -30.82 -27.55
N PHE A 755 -26.25 -30.04 -27.41
CA PHE A 755 -26.17 -28.78 -26.68
C PHE A 755 -25.84 -28.99 -25.21
N LEU A 756 -26.44 -30.00 -24.56
CA LEU A 756 -26.08 -30.31 -23.18
C LEU A 756 -24.63 -30.76 -23.06
N ILE A 757 -24.17 -31.59 -24.00
CA ILE A 757 -22.78 -32.02 -23.99
C ILE A 757 -21.85 -30.83 -24.16
N LEU A 758 -22.18 -29.92 -25.07
CA LEU A 758 -21.37 -28.72 -25.27
C LEU A 758 -21.38 -27.84 -24.03
N GLY A 759 -22.52 -27.76 -23.34
CA GLY A 759 -22.56 -27.01 -22.10
C GLY A 759 -21.67 -27.60 -21.03
N ILE A 760 -21.68 -28.93 -20.89
CA ILE A 760 -20.82 -29.58 -19.92
C ILE A 760 -19.36 -29.33 -20.25
N ILE A 761 -19.01 -29.49 -21.54
CA ILE A 761 -17.63 -29.27 -21.98
C ILE A 761 -17.21 -27.82 -21.74
N SER A 762 -18.09 -26.87 -22.04
CA SER A 762 -17.77 -25.46 -21.84
C SER A 762 -17.58 -25.14 -20.38
N PHE A 763 -18.47 -25.66 -19.51
CA PHE A 763 -18.28 -25.47 -18.07
C PHE A 763 -16.93 -26.00 -17.62
N ILE A 764 -16.62 -27.25 -17.99
CA ILE A 764 -15.38 -27.87 -17.54
C ILE A 764 -14.17 -27.08 -18.03
N THR A 765 -14.17 -26.72 -19.32
CA THR A 765 -12.99 -26.09 -19.91
C THR A 765 -12.82 -24.65 -19.44
N PHE A 766 -13.92 -23.89 -19.33
CA PHE A 766 -13.82 -22.54 -18.82
C PHE A 766 -13.30 -22.54 -17.38
N PHE A 767 -13.87 -23.41 -16.54
CA PHE A 767 -13.40 -23.51 -15.16
C PHE A 767 -11.93 -23.90 -15.12
N LEU A 768 -11.54 -24.90 -15.92
CA LEU A 768 -10.18 -25.40 -15.86
C LEU A 768 -9.17 -24.34 -16.31
N GLN A 769 -9.47 -23.67 -17.42
CA GLN A 769 -8.59 -22.62 -17.93
C GLN A 769 -8.45 -21.48 -16.92
N GLY A 770 -9.59 -20.95 -16.47
CA GLY A 770 -9.54 -19.85 -15.53
C GLY A 770 -8.84 -20.22 -14.23
N PHE A 771 -9.15 -21.40 -13.69
CA PHE A 771 -8.56 -21.81 -12.42
C PHE A 771 -7.05 -22.03 -12.54
N THR A 772 -6.61 -22.71 -13.61
CA THR A 772 -5.18 -22.94 -13.77
C THR A 772 -4.43 -21.62 -13.92
N PHE A 773 -4.94 -20.72 -14.77
CA PHE A 773 -4.24 -19.46 -14.96
C PHE A 773 -4.27 -18.61 -13.69
N GLY A 774 -5.40 -18.58 -12.98
CA GLY A 774 -5.47 -17.80 -11.76
C GLY A 774 -4.57 -18.34 -10.66
N LYS A 775 -4.50 -19.66 -10.52
CA LYS A 775 -3.62 -20.24 -9.52
C LYS A 775 -2.16 -19.95 -9.85
N ALA A 776 -1.75 -20.15 -11.10
CA ALA A 776 -0.37 -19.86 -11.47
C ALA A 776 -0.06 -18.38 -11.28
N GLY A 777 -0.99 -17.50 -11.63
CA GLY A 777 -0.76 -16.08 -11.45
C GLY A 777 -0.68 -15.67 -9.99
N GLU A 778 -1.51 -16.27 -9.14
CA GLU A 778 -1.47 -15.94 -7.71
C GLU A 778 -0.16 -16.43 -7.10
N ILE A 779 0.31 -17.61 -7.52
CA ILE A 779 1.60 -18.09 -7.05
C ILE A 779 2.72 -17.17 -7.52
N LEU A 780 2.63 -16.69 -8.76
CA LEU A 780 3.61 -15.71 -9.25
C LEU A 780 3.56 -14.43 -8.44
N THR A 781 2.37 -13.99 -8.07
CA THR A 781 2.23 -12.78 -7.24
C THR A 781 2.91 -12.97 -5.89
N LYS A 782 2.66 -14.11 -5.24
CA LYS A 782 3.36 -14.41 -3.99
C LYS A 782 4.86 -14.41 -4.17
N ARG A 783 5.35 -15.06 -5.23
CA ARG A 783 6.79 -15.15 -5.45
C ARG A 783 7.39 -13.77 -5.66
N LEU A 784 6.70 -12.92 -6.42
CA LEU A 784 7.20 -11.56 -6.66
C LEU A 784 7.24 -10.75 -5.38
N ARG A 785 6.17 -10.81 -4.58
CA ARG A 785 6.19 -10.08 -3.30
C ARG A 785 7.35 -10.55 -2.43
N TYR A 786 7.49 -11.87 -2.29
CA TYR A 786 8.53 -12.42 -1.43
C TYR A 786 9.92 -12.02 -1.93
N MET A 787 10.16 -12.14 -3.23
CA MET A 787 11.48 -11.87 -3.78
C MET A 787 11.82 -10.38 -3.70
N VAL A 788 10.86 -9.50 -3.97
CA VAL A 788 11.13 -8.08 -3.91
C VAL A 788 11.38 -7.65 -2.47
N PHE A 789 10.60 -8.19 -1.51
CA PHE A 789 10.85 -7.85 -0.11
C PHE A 789 12.21 -8.35 0.34
N LYS A 790 12.59 -9.57 -0.07
CA LYS A 790 13.91 -10.09 0.27
C LYS A 790 15.02 -9.22 -0.31
N SER A 791 14.86 -8.78 -1.56
CA SER A 791 15.86 -7.91 -2.18
C SER A 791 15.95 -6.57 -1.46
N MET A 792 14.80 -6.02 -1.05
CA MET A 792 14.80 -4.77 -0.29
C MET A 792 15.54 -4.94 1.04
N LEU A 793 15.30 -6.06 1.71
CA LEU A 793 16.03 -6.34 2.96
C LEU A 793 17.52 -6.57 2.71
N ARG A 794 17.89 -7.00 1.51
CA ARG A 794 19.31 -7.21 1.19
C ARG A 794 20.06 -5.89 1.04
N GLN A 795 19.36 -4.79 0.77
CA GLN A 795 20.02 -3.55 0.36
C GLN A 795 20.80 -2.93 1.51
N ASP A 796 21.68 -1.99 1.16
CA ASP A 796 22.55 -1.32 2.11
C ASP A 796 21.80 -0.20 2.82
N VAL A 797 22.44 0.34 3.86
CA VAL A 797 21.87 1.47 4.60
C VAL A 797 21.81 2.70 3.70
N SER A 798 22.80 2.87 2.83
CA SER A 798 22.81 4.01 1.91
C SER A 798 21.62 3.96 0.97
N TRP A 799 21.14 2.76 0.63
CA TRP A 799 19.95 2.64 -0.21
C TRP A 799 18.73 3.23 0.48
N PHE A 800 18.56 2.95 1.76
CA PHE A 800 17.45 3.51 2.52
C PHE A 800 17.67 4.99 2.85
N ASP A 801 18.92 5.46 2.85
CA ASP A 801 19.20 6.87 3.07
C ASP A 801 18.85 7.72 1.86
N ASP A 802 18.65 7.10 0.70
CA ASP A 802 18.25 7.82 -0.50
C ASP A 802 16.86 8.43 -0.28
N PRO A 803 16.66 9.72 -0.59
CA PRO A 803 15.34 10.32 -0.38
C PRO A 803 14.22 9.64 -1.15
N LYS A 804 14.49 9.02 -2.29
CA LYS A 804 13.45 8.36 -3.05
C LYS A 804 13.08 6.99 -2.49
N ASN A 805 13.94 6.38 -1.68
CA ASN A 805 13.63 5.09 -1.05
C ASN A 805 13.10 5.33 0.37
N THR A 806 12.01 6.10 0.43
CA THR A 806 11.31 6.34 1.68
C THR A 806 10.44 5.14 2.01
N THR A 807 10.14 4.98 3.31
CA THR A 807 9.36 3.83 3.77
C THR A 807 8.02 3.75 3.04
N GLY A 808 7.30 4.86 2.99
CA GLY A 808 6.06 4.89 2.24
C GLY A 808 6.28 4.66 0.76
N ALA A 809 7.33 5.26 0.20
CA ALA A 809 7.65 5.03 -1.19
C ALA A 809 7.98 3.57 -1.44
N LEU A 810 8.73 2.94 -0.55
CA LEU A 810 9.08 1.53 -0.72
C LEU A 810 7.85 0.63 -0.66
N THR A 811 6.98 0.85 0.33
CA THR A 811 5.78 0.03 0.45
C THR A 811 4.86 0.22 -0.74
N THR A 812 4.68 1.47 -1.18
CA THR A 812 3.84 1.73 -2.35
C THR A 812 4.43 1.09 -3.59
N ARG A 813 5.75 1.19 -3.78
CA ARG A 813 6.40 0.58 -4.92
C ARG A 813 6.17 -0.93 -4.94
N LEU A 814 6.43 -1.58 -3.80
CA LEU A 814 6.21 -3.02 -3.69
C LEU A 814 4.78 -3.40 -4.05
N ALA A 815 3.81 -2.82 -3.33
CA ALA A 815 2.41 -3.19 -3.51
C ALA A 815 1.94 -2.92 -4.94
N ASN A 816 2.28 -1.74 -5.47
CA ASN A 816 1.77 -1.35 -6.79
C ASN A 816 2.41 -2.16 -7.90
N ASP A 817 3.73 -2.40 -7.83
CA ASP A 817 4.39 -3.23 -8.84
C ASP A 817 3.78 -4.62 -8.86
N ALA A 818 3.62 -5.24 -7.69
CA ALA A 818 3.04 -6.57 -7.64
C ALA A 818 1.60 -6.56 -8.16
N ALA A 819 0.84 -5.51 -7.81
CA ALA A 819 -0.54 -5.43 -8.26
C ALA A 819 -0.65 -5.32 -9.78
N GLN A 820 0.21 -4.51 -10.40
CA GLN A 820 0.16 -4.39 -11.86
C GLN A 820 0.56 -5.69 -12.53
N VAL A 821 1.64 -6.32 -12.08
CA VAL A 821 2.06 -7.57 -12.71
C VAL A 821 0.98 -8.64 -12.53
N LYS A 822 0.32 -8.66 -11.37
CA LYS A 822 -0.80 -9.57 -11.16
C LYS A 822 -1.95 -9.25 -12.11
N GLY A 823 -2.24 -7.97 -12.31
CA GLY A 823 -3.28 -7.56 -13.23
C GLY A 823 -3.02 -7.95 -14.66
N ALA A 824 -1.76 -8.13 -15.04
CA ALA A 824 -1.44 -8.69 -16.35
C ALA A 824 -1.12 -10.18 -16.32
N THR A 825 -1.17 -10.82 -15.15
CA THR A 825 -0.85 -12.24 -15.05
C THR A 825 -1.88 -12.98 -14.21
N GLY A 826 -3.17 -12.76 -14.46
CA GLY A 826 -4.18 -13.48 -13.72
C GLY A 826 -5.04 -14.32 -14.64
N SER A 827 -6.36 -14.29 -14.44
CA SER A 827 -7.27 -14.88 -15.41
C SER A 827 -7.56 -13.92 -16.56
N ARG A 828 -6.51 -13.34 -17.13
CA ARG A 828 -6.66 -12.44 -18.28
C ARG A 828 -5.83 -12.96 -19.44
N LEU A 829 -4.58 -13.39 -19.17
CA LEU A 829 -3.79 -14.03 -20.22
C LEU A 829 -4.52 -15.21 -20.84
N ALA A 830 -5.36 -15.87 -20.03
CA ALA A 830 -6.19 -16.94 -20.54
C ALA A 830 -7.11 -16.46 -21.66
N VAL A 831 -7.65 -15.24 -21.54
CA VAL A 831 -8.58 -14.78 -22.57
C VAL A 831 -7.82 -14.36 -23.82
N ILE A 832 -6.57 -13.90 -23.68
CA ILE A 832 -5.76 -13.68 -24.87
C ILE A 832 -5.50 -14.99 -25.60
N PHE A 833 -5.16 -16.06 -24.87
CA PHE A 833 -4.96 -17.34 -25.54
C PHE A 833 -6.25 -17.85 -26.17
N GLN A 834 -7.38 -17.67 -25.47
CA GLN A 834 -8.67 -18.06 -26.01
C GLN A 834 -9.00 -17.28 -27.28
N ASN A 835 -8.67 -15.99 -27.30
CA ASN A 835 -8.94 -15.17 -28.47
C ASN A 835 -8.02 -15.52 -29.63
N ILE A 836 -6.78 -15.89 -29.34
CA ILE A 836 -5.88 -16.35 -30.40
C ILE A 836 -6.43 -17.64 -31.02
N ALA A 837 -6.90 -18.56 -30.18
CA ALA A 837 -7.53 -19.77 -30.69
C ALA A 837 -8.79 -19.45 -31.47
N ASN A 838 -9.56 -18.47 -31.01
CA ASN A 838 -10.77 -18.06 -31.71
C ASN A 838 -10.45 -17.54 -33.10
N LEU A 839 -9.44 -16.67 -33.21
CA LEU A 839 -9.04 -16.15 -34.51
C LEU A 839 -8.53 -17.27 -35.41
N GLY A 840 -7.73 -18.19 -34.86
CA GLY A 840 -7.24 -19.29 -35.67
C GLY A 840 -8.35 -20.18 -36.20
N THR A 841 -9.31 -20.53 -35.33
CA THR A 841 -10.43 -21.35 -35.75
C THR A 841 -11.30 -20.63 -36.77
N GLY A 842 -11.52 -19.32 -36.59
CA GLY A 842 -12.26 -18.57 -37.58
C GLY A 842 -11.57 -18.56 -38.93
N ILE A 843 -10.24 -18.37 -38.93
CA ILE A 843 -9.48 -18.41 -40.17
C ILE A 843 -9.62 -19.78 -40.83
N ILE A 844 -9.51 -20.85 -40.05
CA ILE A 844 -9.58 -22.19 -40.60
C ILE A 844 -10.95 -22.46 -41.21
N ILE A 845 -12.02 -22.12 -40.49
CA ILE A 845 -13.35 -22.41 -41.00
C ILE A 845 -13.69 -21.52 -42.19
N SER A 846 -13.17 -20.29 -42.22
CA SER A 846 -13.38 -19.43 -43.39
C SER A 846 -12.60 -19.92 -44.60
N LEU A 847 -11.43 -20.52 -44.39
CA LEU A 847 -10.65 -21.10 -45.48
C LEU A 847 -11.22 -22.42 -45.97
N ILE A 848 -11.91 -23.17 -45.11
CA ILE A 848 -12.48 -24.45 -45.53
C ILE A 848 -13.78 -24.26 -46.30
N TYR A 849 -14.77 -23.61 -45.68
CA TYR A 849 -16.05 -23.41 -46.33
C TYR A 849 -15.96 -22.46 -47.52
N GLY A 850 -15.13 -21.43 -47.44
CA GLY A 850 -15.02 -20.48 -48.53
C GLY A 850 -13.60 -20.07 -48.83
N TRP A 851 -13.44 -19.04 -49.65
CA TRP A 851 -12.13 -18.53 -50.02
C TRP A 851 -12.28 -17.11 -50.59
N GLN A 852 -11.20 -16.32 -50.55
CA GLN A 852 -11.15 -14.95 -51.02
C GLN A 852 -11.89 -14.03 -50.05
N LEU A 853 -12.58 -14.62 -49.06
CA LEU A 853 -13.18 -13.81 -48.01
C LEU A 853 -12.27 -13.73 -46.79
N THR A 854 -11.47 -14.78 -46.54
CA THR A 854 -10.51 -14.73 -45.45
C THR A 854 -9.43 -13.68 -45.72
N LEU A 855 -9.25 -13.30 -46.98
CA LEU A 855 -8.34 -12.22 -47.33
C LEU A 855 -8.80 -10.92 -46.70
N LEU A 856 -10.09 -10.83 -46.41
CA LEU A 856 -10.64 -9.73 -45.63
C LEU A 856 -10.28 -9.83 -44.16
N LEU A 857 -10.29 -11.05 -43.60
CA LEU A 857 -9.86 -11.23 -42.22
C LEU A 857 -8.41 -10.82 -42.04
N LEU A 858 -7.54 -11.24 -42.95
CA LEU A 858 -6.15 -10.81 -42.92
C LEU A 858 -6.02 -9.31 -43.13
N ALA A 859 -7.08 -8.66 -43.60
CA ALA A 859 -7.11 -7.21 -43.69
C ALA A 859 -7.55 -6.56 -42.39
N ILE A 860 -8.46 -7.20 -41.62
CA ILE A 860 -8.97 -6.55 -40.42
C ILE A 860 -8.02 -6.72 -39.25
N VAL A 861 -7.27 -7.83 -39.21
CA VAL A 861 -6.40 -8.08 -38.07
C VAL A 861 -5.38 -6.96 -37.87
N PRO A 862 -4.70 -6.46 -38.92
CA PRO A 862 -3.83 -5.28 -38.71
C PRO A 862 -4.56 -4.08 -38.13
N ILE A 863 -5.62 -3.61 -38.83
CA ILE A 863 -6.21 -2.31 -38.52
C ILE A 863 -6.58 -2.23 -37.04
N ILE A 864 -7.47 -3.10 -36.58
CA ILE A 864 -7.90 -3.06 -35.18
C ILE A 864 -6.68 -3.13 -34.27
N ALA A 865 -5.76 -4.05 -34.56
CA ALA A 865 -4.58 -4.20 -33.72
C ALA A 865 -3.82 -2.88 -33.61
N ILE A 866 -3.60 -2.20 -34.75
CA ILE A 866 -2.79 -0.99 -34.71
C ILE A 866 -3.42 0.02 -33.77
N ALA A 867 -4.76 0.05 -33.71
CA ALA A 867 -5.43 0.91 -32.75
C ALA A 867 -4.89 0.66 -31.35
N GLY A 868 -5.08 -0.56 -30.85
CA GLY A 868 -4.54 -0.90 -29.55
C GLY A 868 -3.07 -0.54 -29.45
N VAL A 869 -2.33 -0.80 -30.53
CA VAL A 869 -0.89 -0.50 -30.54
C VAL A 869 -0.65 0.91 -30.04
N VAL A 870 -1.23 1.91 -30.71
CA VAL A 870 -0.93 3.28 -30.34
C VAL A 870 -1.37 3.53 -28.90
N GLU A 871 -2.57 3.04 -28.57
CA GLU A 871 -3.07 3.20 -27.20
C GLU A 871 -2.04 2.67 -26.22
N MET A 872 -1.57 1.44 -26.48
CA MET A 872 -0.59 0.83 -25.60
C MET A 872 0.58 1.78 -25.38
N LYS A 873 1.17 2.25 -26.48
CA LYS A 873 2.32 3.15 -26.37
C LYS A 873 1.97 4.34 -25.50
N MET A 874 0.86 5.01 -25.83
CA MET A 874 0.49 6.21 -25.09
C MET A 874 0.33 5.91 -23.61
N LEU A 875 -0.35 4.81 -23.29
CA LEU A 875 -0.55 4.50 -21.88
C LEU A 875 0.78 4.22 -21.20
N SER A 876 1.66 3.48 -21.88
CA SER A 876 2.99 3.29 -21.31
C SER A 876 3.68 4.62 -21.07
N GLY A 877 3.51 5.57 -22.00
CA GLY A 877 4.14 6.86 -21.85
C GLY A 877 3.75 7.56 -20.57
N GLN A 878 2.55 7.28 -20.07
CA GLN A 878 2.17 7.88 -18.79
C GLN A 878 2.35 6.94 -17.62
N ALA A 879 2.39 5.62 -17.87
CA ALA A 879 2.38 4.66 -16.77
C ALA A 879 3.49 4.94 -15.77
N LEU A 880 4.73 5.05 -16.27
CA LEU A 880 5.85 5.36 -15.39
C LEU A 880 5.57 6.57 -14.52
N LYS A 881 5.11 7.66 -15.15
CA LYS A 881 4.80 8.87 -14.40
C LYS A 881 3.86 8.55 -13.25
N ASP A 882 2.74 7.88 -13.56
CA ASP A 882 1.78 7.53 -12.51
C ASP A 882 2.48 6.83 -11.36
N LYS A 883 3.29 5.82 -11.67
CA LYS A 883 3.99 5.08 -10.62
C LYS A 883 4.74 6.05 -9.71
N LYS A 884 5.57 6.92 -10.31
CA LYS A 884 6.34 7.86 -9.51
C LYS A 884 5.41 8.66 -8.61
N GLU A 885 4.36 9.23 -9.19
CA GLU A 885 3.47 10.07 -8.39
C GLU A 885 2.88 9.27 -7.24
N LEU A 886 2.44 8.03 -7.52
CA LEU A 886 1.88 7.22 -6.46
C LEU A 886 2.88 7.06 -5.32
N GLU A 887 4.13 6.75 -5.66
CA GLU A 887 5.16 6.64 -4.63
C GLU A 887 5.19 7.89 -3.77
N GLY A 888 5.27 9.06 -4.41
CA GLY A 888 5.27 10.30 -3.66
C GLY A 888 4.07 10.40 -2.74
N SER A 889 2.88 10.15 -3.30
CA SER A 889 1.67 10.20 -2.48
C SER A 889 1.78 9.24 -1.31
N GLY A 890 2.21 8.01 -1.59
CA GLY A 890 2.36 7.03 -0.52
C GLY A 890 3.27 7.55 0.56
N LYS A 891 4.40 8.13 0.16
CA LYS A 891 5.33 8.68 1.14
C LYS A 891 4.60 9.63 2.08
N ILE A 892 3.89 10.61 1.51
CA ILE A 892 3.21 11.58 2.33
C ILE A 892 2.28 10.88 3.32
N ALA A 893 1.47 9.94 2.81
CA ALA A 893 0.53 9.24 3.68
C ALA A 893 1.28 8.55 4.81
N THR A 894 2.34 7.82 4.48
CA THR A 894 3.09 7.13 5.53
C THR A 894 3.72 8.13 6.47
N GLU A 895 4.23 9.24 5.93
CA GLU A 895 4.82 10.27 6.78
C GLU A 895 3.78 10.82 7.75
N ALA A 896 2.52 10.86 7.31
CA ALA A 896 1.46 11.34 8.19
C ALA A 896 1.04 10.28 9.18
N ILE A 897 1.20 9.00 8.83
CA ILE A 897 0.68 7.94 9.68
C ILE A 897 1.73 7.51 10.70
N GLU A 898 2.99 7.35 10.26
CA GLU A 898 4.03 6.94 11.18
C GLU A 898 4.32 8.00 12.24
N ASN A 899 4.06 9.26 11.91
CA ASN A 899 4.30 10.38 12.81
C ASN A 899 2.99 11.10 13.15
N PHE A 900 1.93 10.33 13.40
CA PHE A 900 0.62 10.93 13.60
C PHE A 900 0.55 11.74 14.88
N ARG A 901 1.23 11.30 15.95
CA ARG A 901 1.21 12.06 17.19
C ARG A 901 1.83 13.44 17.01
N THR A 902 2.95 13.51 16.29
CA THR A 902 3.59 14.80 16.02
C THR A 902 2.69 15.68 15.16
N VAL A 903 2.05 15.09 14.15
CA VAL A 903 1.14 15.86 13.30
C VAL A 903 -0.01 16.43 14.11
N VAL A 904 -0.58 15.62 15.00
CA VAL A 904 -1.68 16.08 15.85
C VAL A 904 -1.22 17.19 16.78
N SER A 905 -0.05 17.03 17.39
CA SER A 905 0.46 18.06 18.29
C SER A 905 0.77 19.35 17.54
N LEU A 906 1.21 19.26 16.29
CA LEU A 906 1.52 20.42 15.48
C LEU A 906 0.32 20.98 14.73
N THR A 907 -0.84 20.33 14.83
CA THR A 907 -2.05 20.73 14.10
C THR A 907 -1.78 20.85 12.61
N ARG A 908 -1.06 19.86 12.06
CA ARG A 908 -0.65 19.88 10.67
C ARG A 908 -1.40 18.86 9.81
N GLU A 909 -2.56 18.41 10.28
CA GLU A 909 -3.34 17.45 9.50
C GLU A 909 -3.82 18.04 8.19
N GLN A 910 -4.28 19.29 8.21
CA GLN A 910 -4.72 19.96 6.98
C GLN A 910 -3.58 20.15 5.99
N LYS A 911 -2.39 20.50 6.49
CA LYS A 911 -1.24 20.65 5.60
C LYS A 911 -0.89 19.34 4.91
N PHE A 912 -0.90 18.24 5.65
CA PHE A 912 -0.62 16.95 5.03
C PHE A 912 -1.73 16.52 4.08
N GLU A 913 -2.98 16.88 4.38
CA GLU A 913 -4.06 16.61 3.45
C GLU A 913 -3.86 17.37 2.14
N THR A 914 -3.46 18.64 2.23
CA THR A 914 -3.19 19.42 1.04
C THR A 914 -2.02 18.84 0.25
N MET A 915 -0.98 18.39 0.95
CA MET A 915 0.14 17.76 0.26
C MET A 915 -0.28 16.47 -0.43
N TYR A 916 -1.13 15.68 0.21
CA TYR A 916 -1.63 14.46 -0.41
C TYR A 916 -2.45 14.75 -1.64
N ALA A 917 -3.30 15.78 -1.58
CA ALA A 917 -4.08 16.18 -2.76
C ALA A 917 -3.17 16.63 -3.89
N GLN A 918 -2.14 17.43 -3.57
CA GLN A 918 -1.21 17.88 -4.59
C GLN A 918 -0.47 16.71 -5.23
N SER A 919 -0.11 15.71 -4.42
CA SER A 919 0.53 14.52 -4.96
C SER A 919 -0.42 13.75 -5.87
N LEU A 920 -1.69 13.66 -5.49
CA LEU A 920 -2.68 12.94 -6.28
C LEU A 920 -3.13 13.71 -7.52
N GLN A 921 -2.76 14.99 -7.64
CA GLN A 921 -3.19 15.80 -8.77
C GLN A 921 -2.84 15.15 -10.11
N ILE A 922 -1.58 14.74 -10.30
CA ILE A 922 -1.15 14.19 -11.59
C ILE A 922 -1.90 12.91 -11.95
N PRO A 923 -2.02 11.91 -11.06
CA PRO A 923 -2.79 10.71 -11.44
C PRO A 923 -4.23 11.00 -11.80
N TYR A 924 -4.82 12.08 -11.29
CA TYR A 924 -6.20 12.42 -11.65
C TYR A 924 -6.31 12.75 -13.14
N ARG A 925 -5.46 13.67 -13.63
CA ARG A 925 -5.49 14.01 -15.04
C ARG A 925 -5.05 12.83 -15.89
N ASN A 926 -4.09 12.04 -15.40
CA ASN A 926 -3.70 10.84 -16.14
C ASN A 926 -4.87 9.89 -16.29
N ALA A 927 -5.68 9.73 -15.22
CA ALA A 927 -6.85 8.88 -15.29
C ALA A 927 -7.89 9.40 -16.27
N MET A 928 -8.11 10.72 -16.28
CA MET A 928 -9.07 11.28 -17.24
C MET A 928 -8.62 11.04 -18.68
N LYS A 929 -7.33 11.30 -18.96
CA LYS A 929 -6.80 11.07 -20.29
C LYS A 929 -6.87 9.60 -20.69
N LYS A 930 -6.50 8.69 -19.79
CA LYS A 930 -6.60 7.26 -20.10
C LYS A 930 -8.03 6.83 -20.32
N ALA A 931 -8.97 7.42 -19.58
CA ALA A 931 -10.38 7.13 -19.80
C ALA A 931 -10.80 7.50 -21.21
N HIS A 932 -10.46 8.72 -21.64
CA HIS A 932 -10.81 9.14 -22.99
C HIS A 932 -10.16 8.24 -24.04
N VAL A 933 -8.87 7.93 -23.87
CA VAL A 933 -8.15 7.15 -24.87
C VAL A 933 -8.73 5.74 -24.97
N PHE A 934 -8.96 5.08 -23.84
CA PHE A 934 -9.43 3.71 -23.88
C PHE A 934 -10.86 3.63 -24.37
N GLY A 935 -11.70 4.62 -24.03
CA GLY A 935 -13.04 4.67 -24.59
C GLY A 935 -13.00 4.81 -26.10
N ILE A 936 -12.11 5.66 -26.62
CA ILE A 936 -11.95 5.79 -28.06
C ILE A 936 -11.52 4.45 -28.66
N THR A 937 -10.60 3.75 -28.00
CA THR A 937 -10.13 2.46 -28.51
C THR A 937 -11.27 1.45 -28.60
N PHE A 938 -12.08 1.34 -27.53
CA PHE A 938 -13.21 0.41 -27.55
C PHE A 938 -14.23 0.77 -28.62
N SER A 939 -14.57 2.05 -28.74
CA SER A 939 -15.50 2.48 -29.79
C SER A 939 -14.98 2.14 -31.16
N PHE A 940 -13.67 2.39 -31.40
CA PHE A 940 -13.08 2.08 -32.69
C PHE A 940 -13.12 0.58 -32.98
N THR A 941 -12.82 -0.24 -31.97
CA THR A 941 -12.82 -1.68 -32.17
C THR A 941 -14.21 -2.17 -32.57
N GLN A 942 -15.24 -1.77 -31.82
CA GLN A 942 -16.60 -2.21 -32.15
C GLN A 942 -17.05 -1.66 -33.50
N ALA A 943 -16.71 -0.40 -33.78
CA ALA A 943 -17.12 0.22 -35.05
C ALA A 943 -16.49 -0.49 -36.24
N MET A 944 -15.20 -0.82 -36.16
CA MET A 944 -14.58 -1.55 -37.25
C MET A 944 -15.06 -2.99 -37.32
N MET A 945 -15.42 -3.59 -36.20
CA MET A 945 -16.13 -4.87 -36.24
C MET A 945 -17.36 -4.78 -37.15
N TYR A 946 -18.24 -3.82 -36.87
CA TYR A 946 -19.45 -3.68 -37.67
C TYR A 946 -19.15 -3.31 -39.12
N PHE A 947 -18.19 -2.40 -39.33
CA PHE A 947 -17.87 -1.93 -40.66
C PHE A 947 -17.28 -3.06 -41.52
N SER A 948 -16.40 -3.87 -40.94
CA SER A 948 -15.85 -5.00 -41.67
C SER A 948 -16.90 -6.07 -41.90
N TYR A 949 -17.88 -6.20 -41.00
CA TYR A 949 -18.96 -7.14 -41.27
C TYR A 949 -19.78 -6.68 -42.47
N ALA A 950 -20.05 -5.38 -42.57
CA ALA A 950 -20.75 -4.84 -43.74
C ALA A 950 -19.92 -5.00 -45.01
N ALA A 951 -18.61 -4.74 -44.93
CA ALA A 951 -17.74 -4.96 -46.07
C ALA A 951 -17.73 -6.42 -46.48
N ALA A 952 -17.83 -7.33 -45.51
CA ALA A 952 -17.95 -8.75 -45.82
C ALA A 952 -19.24 -9.05 -46.57
N PHE A 953 -20.35 -8.45 -46.14
CA PHE A 953 -21.58 -8.55 -46.92
C PHE A 953 -21.36 -8.12 -48.36
N ARG A 954 -20.77 -6.94 -48.56
CA ARG A 954 -20.61 -6.41 -49.91
C ARG A 954 -19.74 -7.33 -50.77
N PHE A 955 -18.60 -7.76 -50.21
CA PHE A 955 -17.68 -8.60 -50.98
C PHE A 955 -18.29 -9.96 -51.28
N GLY A 956 -18.98 -10.55 -50.31
CA GLY A 956 -19.64 -11.83 -50.54
C GLY A 956 -20.75 -11.73 -51.57
N ALA A 957 -21.49 -10.61 -51.55
CA ALA A 957 -22.51 -10.39 -52.58
C ALA A 957 -21.88 -10.28 -53.96
N TYR A 958 -20.74 -9.59 -54.05
CA TYR A 958 -20.03 -9.50 -55.32
C TYR A 958 -19.59 -10.89 -55.80
N LEU A 959 -19.05 -11.69 -54.89
CA LEU A 959 -18.62 -13.04 -55.25
C LEU A 959 -19.79 -13.91 -55.69
N VAL A 960 -20.92 -13.81 -54.99
CA VAL A 960 -22.10 -14.59 -55.35
C VAL A 960 -22.62 -14.16 -56.72
N THR A 961 -22.63 -12.86 -56.99
CA THR A 961 -23.02 -12.37 -58.32
C THR A 961 -22.07 -12.92 -59.39
N GLN A 962 -20.78 -12.98 -59.09
CA GLN A 962 -19.84 -13.61 -60.00
C GLN A 962 -19.85 -15.13 -59.91
N GLN A 963 -20.61 -15.70 -58.97
CA GLN A 963 -20.75 -17.15 -58.81
C GLN A 963 -19.42 -17.82 -58.49
N LEU A 964 -18.48 -17.05 -57.94
CA LEU A 964 -17.18 -17.60 -57.56
C LEU A 964 -17.25 -18.41 -56.26
N MET A 965 -18.28 -18.21 -55.45
CA MET A 965 -18.38 -18.88 -54.16
C MET A 965 -19.84 -18.84 -53.72
N THR A 966 -20.33 -19.99 -53.24
CA THR A 966 -21.76 -20.21 -53.07
C THR A 966 -22.34 -19.34 -51.96
N PHE A 967 -23.63 -19.04 -52.08
CA PHE A 967 -24.36 -18.23 -51.13
C PHE A 967 -24.54 -18.88 -49.77
N GLU A 968 -24.67 -20.21 -49.72
CA GLU A 968 -24.99 -20.88 -48.46
C GLU A 968 -23.90 -20.68 -47.41
N ASN A 969 -22.63 -20.74 -47.82
CA ASN A 969 -21.53 -20.71 -46.86
C ASN A 969 -21.07 -19.30 -46.50
N VAL A 970 -21.69 -18.25 -47.04
CA VAL A 970 -21.24 -16.90 -46.71
C VAL A 970 -21.55 -16.55 -45.25
N LEU A 971 -22.63 -17.10 -44.71
CA LEU A 971 -23.01 -16.79 -43.33
C LEU A 971 -21.96 -17.29 -42.34
N LEU A 972 -21.45 -18.50 -42.56
CA LEU A 972 -20.44 -19.05 -41.66
C LEU A 972 -19.15 -18.24 -41.72
N VAL A 973 -18.74 -17.83 -42.93
CA VAL A 973 -17.54 -17.01 -43.05
C VAL A 973 -17.75 -15.66 -42.39
N PHE A 974 -18.95 -15.09 -42.51
CA PHE A 974 -19.24 -13.82 -41.86
C PHE A 974 -19.17 -13.96 -40.34
N SER A 975 -19.70 -15.06 -39.81
CA SER A 975 -19.62 -15.32 -38.38
C SER A 975 -18.16 -15.46 -37.94
N ALA A 976 -17.35 -16.14 -38.75
CA ALA A 976 -15.92 -16.27 -38.42
C ALA A 976 -15.24 -14.91 -38.42
N ILE A 977 -15.57 -14.05 -39.39
CA ILE A 977 -15.02 -12.71 -39.42
C ILE A 977 -15.41 -11.95 -38.17
N CYS A 978 -16.67 -12.04 -37.77
CA CYS A 978 -17.15 -11.36 -36.58
C CYS A 978 -16.42 -11.83 -35.33
N PHE A 979 -16.24 -13.15 -35.18
CA PHE A 979 -15.59 -13.67 -33.99
C PHE A 979 -14.12 -13.30 -33.96
N GLY A 980 -13.46 -13.33 -35.14
CA GLY A 980 -12.08 -12.88 -35.19
C GLY A 980 -11.92 -11.42 -34.84
N ALA A 981 -12.83 -10.58 -35.33
CA ALA A 981 -12.80 -9.16 -34.99
C ALA A 981 -12.99 -8.95 -33.49
N MET A 982 -13.92 -9.71 -32.89
CA MET A 982 -14.13 -9.62 -31.45
C MET A 982 -12.87 -10.04 -30.69
N ALA A 983 -12.21 -11.11 -31.16
CA ALA A 983 -10.99 -11.58 -30.50
C ALA A 983 -9.89 -10.53 -30.56
N VAL A 984 -9.68 -9.95 -31.74
CA VAL A 984 -8.64 -8.93 -31.88
C VAL A 984 -8.97 -7.70 -31.05
N GLY A 985 -10.25 -7.32 -31.00
CA GLY A 985 -10.64 -6.19 -30.17
C GLY A 985 -10.40 -6.44 -28.70
N GLN A 986 -10.68 -7.65 -28.23
CA GLN A 986 -10.43 -7.99 -26.83
C GLN A 986 -8.94 -7.98 -26.54
N VAL A 987 -8.11 -8.48 -27.46
CA VAL A 987 -6.66 -8.45 -27.26
C VAL A 987 -6.17 -7.01 -27.18
N SER A 988 -6.67 -6.15 -28.07
CA SER A 988 -6.27 -4.74 -28.04
C SER A 988 -6.76 -4.06 -26.77
N SER A 989 -7.91 -4.48 -26.24
CA SER A 989 -8.37 -3.95 -24.95
C SER A 989 -7.46 -4.41 -23.82
N PHE A 990 -6.95 -5.63 -23.91
CA PHE A 990 -5.98 -6.12 -22.92
C PHE A 990 -4.69 -5.31 -22.95
N ALA A 991 -4.21 -4.98 -24.16
CA ALA A 991 -2.90 -4.35 -24.33
C ALA A 991 -2.59 -3.20 -23.37
N PRO A 992 -3.54 -2.33 -22.97
CA PRO A 992 -3.24 -1.35 -21.93
C PRO A 992 -2.68 -1.93 -20.65
N ASP A 993 -3.24 -3.05 -20.18
CA ASP A 993 -2.74 -3.67 -18.96
C ASP A 993 -1.34 -4.23 -19.16
N TYR A 994 -1.08 -4.79 -20.34
CA TYR A 994 0.27 -5.25 -20.66
C TYR A 994 1.27 -4.10 -20.62
N ALA A 995 0.90 -2.95 -21.18
CA ALA A 995 1.78 -1.79 -21.11
C ALA A 995 1.99 -1.34 -19.68
N LYS A 996 0.91 -1.29 -18.89
CA LYS A 996 1.00 -0.86 -17.51
C LYS A 996 1.87 -1.79 -16.66
N ALA A 997 1.86 -3.09 -16.94
CA ALA A 997 2.63 -4.04 -16.15
C ALA A 997 4.03 -4.30 -16.69
N THR A 998 4.33 -3.89 -17.93
CA THR A 998 5.69 -4.05 -18.45
C THR A 998 6.69 -3.28 -17.60
N VAL A 999 6.38 -2.02 -17.26
CA VAL A 999 7.29 -1.22 -16.47
C VAL A 999 7.40 -1.75 -15.04
N SER A 1000 6.28 -2.25 -14.48
CA SER A 1000 6.33 -2.84 -13.16
C SER A 1000 7.22 -4.08 -13.14
N ALA A 1001 7.11 -4.92 -14.17
CA ALA A 1001 7.97 -6.09 -14.28
C ALA A 1001 9.43 -5.69 -14.44
N SER A 1002 9.70 -4.64 -15.21
CA SER A 1002 11.07 -4.15 -15.34
C SER A 1002 11.62 -3.70 -13.99
N HIS A 1003 10.82 -2.97 -13.22
CA HIS A 1003 11.26 -2.53 -11.90
C HIS A 1003 11.48 -3.71 -10.97
N ILE A 1004 10.62 -4.73 -11.05
CA ILE A 1004 10.78 -5.92 -10.23
C ILE A 1004 12.08 -6.63 -10.55
N ILE A 1005 12.37 -6.80 -11.85
CA ILE A 1005 13.63 -7.43 -12.24
C ILE A 1005 14.82 -6.60 -11.77
N ARG A 1006 14.72 -5.28 -11.90
CA ARG A 1006 15.80 -4.40 -11.48
C ARG A 1006 16.08 -4.55 -9.98
N ILE A 1007 15.03 -4.57 -9.16
CA ILE A 1007 15.24 -4.68 -7.72
C ILE A 1007 15.73 -6.07 -7.34
N ILE A 1008 15.29 -7.11 -8.06
CA ILE A 1008 15.76 -8.46 -7.76
C ILE A 1008 17.25 -8.59 -8.07
N GLU A 1009 17.67 -8.10 -9.23
CA GLU A 1009 19.05 -8.31 -9.66
C GLU A 1009 20.04 -7.31 -9.06
N LYS A 1010 19.56 -6.34 -8.28
CA LYS A 1010 20.47 -5.37 -7.68
C LYS A 1010 21.28 -6.01 -6.56
N THR A 1011 22.58 -5.74 -6.55
CA THR A 1011 23.48 -6.24 -5.52
C THR A 1011 24.02 -5.08 -4.71
N PRO A 1012 23.94 -5.13 -3.38
CA PRO A 1012 24.51 -4.06 -2.55
C PRO A 1012 26.02 -4.18 -2.44
N GLU A 1013 26.65 -3.07 -2.06
CA GLU A 1013 28.08 -3.06 -1.84
C GLU A 1013 28.47 -3.93 -0.65
N ILE A 1014 27.73 -3.83 0.44
CA ILE A 1014 27.92 -4.67 1.61
C ILE A 1014 26.78 -5.68 1.62
N ASP A 1015 27.07 -6.91 1.19
CA ASP A 1015 26.05 -7.92 0.99
C ASP A 1015 25.82 -8.66 2.31
N SER A 1016 24.66 -8.43 2.93
CA SER A 1016 24.32 -9.07 4.18
C SER A 1016 23.84 -10.51 3.99
N TYR A 1017 23.53 -10.92 2.76
CA TYR A 1017 23.12 -12.28 2.47
C TYR A 1017 24.27 -13.17 2.04
N SER A 1018 25.46 -12.61 1.84
CA SER A 1018 26.58 -13.38 1.33
C SER A 1018 27.15 -14.27 2.42
N THR A 1019 27.37 -15.54 2.09
CA THR A 1019 28.07 -16.45 2.99
C THR A 1019 29.57 -16.37 2.86
N GLN A 1020 30.08 -15.68 1.82
CA GLN A 1020 31.51 -15.51 1.66
C GLN A 1020 32.04 -14.54 2.70
N GLY A 1021 33.24 -14.82 3.19
CA GLY A 1021 33.85 -14.01 4.22
C GLY A 1021 34.69 -14.87 5.14
N LEU A 1022 35.20 -14.22 6.19
CA LEU A 1022 36.05 -14.87 7.17
C LEU A 1022 35.32 -14.90 8.51
N LYS A 1023 35.24 -16.10 9.10
CA LYS A 1023 34.61 -16.30 10.40
C LYS A 1023 35.65 -16.85 11.36
N PRO A 1024 36.33 -16.00 12.13
CA PRO A 1024 37.34 -16.50 13.07
C PRO A 1024 36.74 -17.43 14.11
N ASN A 1025 37.51 -18.47 14.48
CA ASN A 1025 37.03 -19.44 15.45
C ASN A 1025 36.82 -18.80 16.82
N MET A 1026 37.77 -17.96 17.24
CA MET A 1026 37.67 -17.28 18.52
C MET A 1026 38.25 -15.88 18.37
N LEU A 1027 37.53 -14.89 18.89
CA LEU A 1027 37.93 -13.49 18.78
C LEU A 1027 38.26 -12.93 20.15
N GLU A 1028 39.28 -12.08 20.19
CA GLU A 1028 39.69 -11.43 21.43
C GLU A 1028 39.02 -10.07 21.63
N GLY A 1029 38.29 -9.57 20.64
CA GLY A 1029 37.55 -8.32 20.79
C GLY A 1029 38.40 -7.08 20.91
N ASN A 1030 39.38 -6.91 20.02
CA ASN A 1030 40.25 -5.74 20.00
C ASN A 1030 39.85 -4.88 18.80
N VAL A 1031 39.31 -3.69 19.08
CA VAL A 1031 38.78 -2.81 18.04
C VAL A 1031 39.76 -1.67 17.81
N GLN A 1032 40.11 -1.45 16.54
CA GLN A 1032 41.10 -0.44 16.17
C GLN A 1032 40.62 0.33 14.94
N PHE A 1033 40.36 1.62 15.11
CA PHE A 1033 40.15 2.54 13.98
C PHE A 1033 41.52 3.11 13.62
N SER A 1034 41.91 3.01 12.35
CA SER A 1034 43.23 3.45 11.91
C SER A 1034 43.06 4.53 10.85
N GLY A 1035 42.99 5.78 11.30
CA GLY A 1035 42.88 6.90 10.37
C GLY A 1035 41.66 6.83 9.47
N VAL A 1036 40.51 6.49 10.05
CA VAL A 1036 39.30 6.26 9.25
C VAL A 1036 38.70 7.60 8.85
N VAL A 1037 38.59 7.82 7.54
CA VAL A 1037 37.94 9.00 6.98
C VAL A 1037 36.62 8.56 6.35
N PHE A 1038 35.53 9.19 6.77
CA PHE A 1038 34.21 8.78 6.32
C PHE A 1038 33.41 9.99 5.85
N ASN A 1039 32.64 9.79 4.79
CA ASN A 1039 31.73 10.78 4.25
C ASN A 1039 30.37 10.13 4.04
N TYR A 1040 29.33 10.73 4.60
CA TYR A 1040 27.99 10.18 4.43
C TYR A 1040 27.55 10.33 2.98
N PRO A 1041 26.99 9.28 2.37
CA PRO A 1041 26.64 9.36 0.95
C PRO A 1041 25.61 10.43 0.62
N THR A 1042 24.68 10.73 1.53
CA THR A 1042 23.68 11.75 1.26
C THR A 1042 24.29 13.15 1.25
N ARG A 1043 25.35 13.37 2.02
CA ARG A 1043 26.06 14.64 2.07
C ARG A 1043 27.55 14.36 1.84
N PRO A 1044 27.91 13.98 0.61
CA PRO A 1044 29.29 13.49 0.37
C PRO A 1044 30.37 14.53 0.60
N SER A 1045 30.07 15.81 0.45
CA SER A 1045 31.10 16.83 0.57
C SER A 1045 31.51 17.07 2.01
N ILE A 1046 30.58 16.93 2.96
CA ILE A 1046 30.86 17.23 4.36
C ILE A 1046 31.75 16.16 4.96
N PRO A 1047 32.92 16.51 5.49
CA PRO A 1047 33.74 15.52 6.20
C PRO A 1047 33.22 15.30 7.61
N VAL A 1048 32.89 14.04 7.92
CA VAL A 1048 32.43 13.69 9.26
C VAL A 1048 33.57 13.22 10.13
N LEU A 1049 34.34 12.24 9.65
CA LEU A 1049 35.55 11.78 10.32
C LEU A 1049 36.74 12.09 9.42
N GLN A 1050 37.74 12.75 9.99
CA GLN A 1050 38.92 13.19 9.24
C GLN A 1050 40.15 12.35 9.57
N GLY A 1051 39.95 11.06 9.79
CA GLY A 1051 41.06 10.16 10.03
C GLY A 1051 41.51 10.08 11.47
N LEU A 1052 40.59 9.74 12.37
CA LEU A 1052 40.91 9.61 13.79
C LEU A 1052 41.38 8.20 14.09
N SER A 1053 42.36 8.09 14.99
CA SER A 1053 42.88 6.81 15.44
C SER A 1053 42.24 6.46 16.78
N LEU A 1054 41.87 5.19 16.94
CA LEU A 1054 41.14 4.73 18.12
C LEU A 1054 41.54 3.29 18.40
N GLU A 1055 41.67 2.96 19.69
CA GLU A 1055 42.04 1.61 20.07
C GLU A 1055 41.35 1.25 21.37
N VAL A 1056 40.74 0.07 21.41
CA VAL A 1056 40.15 -0.46 22.64
C VAL A 1056 40.38 -1.97 22.69
N LYS A 1057 40.74 -2.46 23.88
CA LYS A 1057 41.16 -3.83 24.10
C LYS A 1057 40.04 -4.60 24.80
N LYS A 1058 40.25 -5.90 24.98
CA LYS A 1058 39.32 -6.72 25.73
C LYS A 1058 39.33 -6.34 27.21
N GLY A 1059 38.13 -6.23 27.79
CA GLY A 1059 38.00 -5.83 29.17
C GLY A 1059 38.11 -4.34 29.41
N GLN A 1060 38.40 -3.56 28.39
CA GLN A 1060 38.51 -2.11 28.54
C GLN A 1060 37.17 -1.44 28.24
N THR A 1061 36.94 -0.30 28.87
CA THR A 1061 35.79 0.54 28.58
C THR A 1061 36.27 1.87 28.02
N LEU A 1062 35.79 2.19 26.82
CA LEU A 1062 36.16 3.40 26.11
C LEU A 1062 34.99 4.37 26.09
N ALA A 1063 35.25 5.60 26.52
CA ALA A 1063 34.25 6.65 26.58
C ALA A 1063 34.53 7.66 25.48
N LEU A 1064 33.63 7.75 24.51
CA LEU A 1064 33.72 8.71 23.42
C LEU A 1064 32.98 9.98 23.83
N VAL A 1065 33.69 11.10 23.87
CA VAL A 1065 33.11 12.36 24.27
C VAL A 1065 33.33 13.40 23.18
N GLY A 1066 32.49 14.41 23.18
CA GLY A 1066 32.58 15.47 22.21
C GLY A 1066 31.31 16.28 22.17
N SER A 1067 31.28 17.23 21.23
CA SER A 1067 30.09 18.05 21.02
C SER A 1067 29.13 17.36 20.06
N SER A 1068 27.93 17.94 19.94
CA SER A 1068 26.93 17.40 19.04
C SER A 1068 27.40 17.52 17.59
N GLY A 1069 27.21 16.45 16.83
CA GLY A 1069 27.64 16.43 15.44
C GLY A 1069 29.10 16.10 15.23
N GLY A 1070 29.84 15.76 16.29
CA GLY A 1070 31.25 15.46 16.16
C GLY A 1070 31.53 14.14 15.47
N GLY A 1071 30.59 13.22 15.48
CA GLY A 1071 30.75 11.93 14.86
C GLY A 1071 30.83 10.74 15.80
N LYS A 1072 30.31 10.86 17.03
CA LYS A 1072 30.38 9.77 17.97
C LYS A 1072 29.53 8.59 17.52
N SER A 1073 28.30 8.86 17.07
CA SER A 1073 27.46 7.80 16.54
C SER A 1073 27.93 7.30 15.18
N THR A 1074 28.69 8.13 14.46
CA THR A 1074 29.26 7.69 13.19
C THR A 1074 30.22 6.53 13.39
N VAL A 1075 31.01 6.58 14.47
CA VAL A 1075 31.93 5.48 14.77
C VAL A 1075 31.15 4.19 15.02
N VAL A 1076 30.07 4.27 15.79
CA VAL A 1076 29.25 3.10 16.07
C VAL A 1076 28.64 2.56 14.78
N GLN A 1077 28.13 3.45 13.93
CA GLN A 1077 27.53 3.00 12.67
C GLN A 1077 28.58 2.40 11.74
N LEU A 1078 29.82 2.87 11.80
CA LEU A 1078 30.88 2.32 10.97
C LEU A 1078 31.35 0.97 11.47
N LEU A 1079 31.42 0.79 12.79
CA LEU A 1079 31.80 -0.51 13.34
C LEU A 1079 30.75 -1.57 13.08
N GLU A 1080 29.51 -1.17 12.77
CA GLU A 1080 28.47 -2.09 12.36
C GLU A 1080 28.48 -2.37 10.86
N ARG A 1081 29.43 -1.80 10.13
CA ARG A 1081 29.53 -1.95 8.69
C ARG A 1081 28.25 -1.47 7.99
N PHE A 1082 27.64 -0.41 8.52
CA PHE A 1082 26.55 0.22 7.81
C PHE A 1082 27.05 0.90 6.55
N TYR A 1083 28.23 1.51 6.61
CA TYR A 1083 28.86 2.13 5.45
C TYR A 1083 30.34 1.73 5.44
N ASP A 1084 30.94 1.81 4.25
CA ASP A 1084 32.35 1.47 4.08
C ASP A 1084 33.16 2.75 3.97
N PRO A 1085 34.11 3.01 4.87
CA PRO A 1085 34.93 4.22 4.76
C PRO A 1085 35.82 4.17 3.52
N MET A 1086 36.05 5.35 2.94
CA MET A 1086 36.92 5.46 1.77
C MET A 1086 38.40 5.52 2.12
N ALA A 1087 38.73 6.01 3.31
CA ALA A 1087 40.11 6.05 3.78
C ALA A 1087 40.16 5.52 5.21
N GLY A 1088 41.27 4.89 5.56
CA GLY A 1088 41.39 4.25 6.85
C GLY A 1088 40.76 2.87 6.85
N SER A 1089 40.82 2.23 8.02
CA SER A 1089 40.30 0.88 8.14
C SER A 1089 40.02 0.55 9.60
N VAL A 1090 39.06 -0.34 9.81
CA VAL A 1090 38.70 -0.82 11.14
C VAL A 1090 39.15 -2.27 11.26
N PHE A 1091 39.93 -2.55 12.30
CA PHE A 1091 40.42 -3.89 12.58
C PHE A 1091 39.71 -4.45 13.81
N LEU A 1092 39.29 -5.70 13.70
CA LEU A 1092 38.78 -6.50 14.82
C LEU A 1092 39.79 -7.63 15.03
N ASP A 1093 40.61 -7.50 16.07
CA ASP A 1093 41.70 -8.43 16.35
C ASP A 1093 42.66 -8.53 15.17
N GLY A 1094 43.00 -7.38 14.59
CA GLY A 1094 43.99 -7.32 13.53
C GLY A 1094 43.48 -7.61 12.14
N LYS A 1095 42.20 -7.94 11.98
CA LYS A 1095 41.63 -8.26 10.68
C LYS A 1095 40.68 -7.14 10.26
N GLU A 1096 40.86 -6.66 9.04
CA GLU A 1096 39.97 -5.63 8.50
C GLU A 1096 38.56 -6.15 8.38
N ILE A 1097 37.59 -5.33 8.80
CA ILE A 1097 36.20 -5.75 8.83
C ILE A 1097 35.62 -5.98 7.44
N LYS A 1098 36.29 -5.53 6.39
CA LYS A 1098 35.86 -5.81 5.03
C LYS A 1098 36.20 -7.23 4.59
N GLN A 1099 37.11 -7.91 5.27
CA GLN A 1099 37.49 -9.27 4.95
C GLN A 1099 36.68 -10.32 5.70
N LEU A 1100 35.80 -9.90 6.60
CA LEU A 1100 35.02 -10.82 7.42
C LEU A 1100 33.59 -10.91 6.89
N ASN A 1101 32.91 -11.98 7.27
CA ASN A 1101 31.50 -12.14 6.95
C ASN A 1101 30.69 -11.11 7.73
N VAL A 1102 29.86 -10.33 7.02
CA VAL A 1102 29.19 -9.21 7.65
C VAL A 1102 28.17 -9.69 8.68
N GLN A 1103 27.49 -10.82 8.40
CA GLN A 1103 26.57 -11.37 9.38
C GLN A 1103 27.31 -11.84 10.62
N TRP A 1104 28.45 -12.50 10.45
CA TRP A 1104 29.23 -12.94 11.59
C TRP A 1104 29.71 -11.75 12.42
N LEU A 1105 30.22 -10.71 11.75
CA LEU A 1105 30.70 -9.53 12.47
C LEU A 1105 29.55 -8.86 13.22
N ARG A 1106 28.40 -8.68 12.56
CA ARG A 1106 27.27 -8.05 13.21
C ARG A 1106 26.77 -8.88 14.39
N ALA A 1107 26.88 -10.20 14.32
CA ALA A 1107 26.45 -11.05 15.43
C ALA A 1107 27.40 -10.94 16.61
N GLN A 1108 28.61 -10.43 16.40
CA GLN A 1108 29.57 -10.28 17.48
C GLN A 1108 29.37 -8.99 18.27
N LEU A 1109 28.53 -8.08 17.79
CA LEU A 1109 28.36 -6.77 18.41
C LEU A 1109 26.93 -6.60 18.87
N GLY A 1110 26.77 -6.13 20.10
CA GLY A 1110 25.48 -5.72 20.61
C GLY A 1110 25.43 -4.22 20.82
N ILE A 1111 24.47 -3.54 20.18
CA ILE A 1111 24.46 -2.09 20.15
C ILE A 1111 23.15 -1.57 20.75
N VAL A 1112 23.28 -0.47 21.48
CA VAL A 1112 22.15 0.34 21.93
C VAL A 1112 22.28 1.68 21.21
N SER A 1113 21.29 2.02 20.39
CA SER A 1113 21.38 3.22 19.57
C SER A 1113 20.95 4.46 20.37
N GLN A 1114 21.23 5.63 19.79
CA GLN A 1114 20.85 6.88 20.44
C GLN A 1114 19.34 7.00 20.55
N GLU A 1115 18.61 6.57 19.53
CA GLU A 1115 17.15 6.53 19.58
C GLU A 1115 16.69 5.08 19.54
N PRO A 1116 16.41 4.46 20.68
CA PRO A 1116 15.95 3.06 20.67
C PRO A 1116 14.65 2.91 19.91
N ILE A 1117 14.55 1.82 19.15
CA ILE A 1117 13.37 1.53 18.35
C ILE A 1117 12.96 0.09 18.62
N LEU A 1118 11.71 -0.10 19.05
CA LEU A 1118 11.14 -1.41 19.26
C LEU A 1118 10.15 -1.72 18.14
N PHE A 1119 9.54 -2.91 18.22
CA PHE A 1119 8.57 -3.35 17.24
C PHE A 1119 7.20 -3.51 17.89
N ASP A 1120 6.15 -3.38 17.08
CA ASP A 1120 4.78 -3.49 17.56
C ASP A 1120 4.46 -4.95 17.86
N ARG A 1121 5.05 -5.49 18.92
CA ARG A 1121 4.85 -6.88 19.31
C ARG A 1121 5.10 -6.98 20.81
N SER A 1122 5.15 -8.22 21.32
CA SER A 1122 5.26 -8.44 22.75
C SER A 1122 6.65 -8.05 23.27
N ILE A 1123 6.73 -7.83 24.57
CA ILE A 1123 7.99 -7.46 25.21
C ILE A 1123 9.00 -8.59 25.10
N ALA A 1124 8.55 -9.83 25.37
CA ALA A 1124 9.45 -10.97 25.30
C ALA A 1124 9.98 -11.17 23.88
N GLU A 1125 9.11 -11.00 22.87
CA GLU A 1125 9.55 -11.11 21.49
C GLU A 1125 10.55 -10.01 21.15
N ASN A 1126 10.32 -8.80 21.64
CA ASN A 1126 11.25 -7.71 21.38
C ASN A 1126 12.62 -7.97 22.01
N ILE A 1127 12.63 -8.52 23.22
CA ILE A 1127 13.90 -8.84 23.87
C ILE A 1127 14.60 -9.99 23.14
N ALA A 1128 13.86 -11.03 22.77
CA ALA A 1128 14.45 -12.15 22.06
C ALA A 1128 14.90 -11.78 20.66
N TYR A 1129 14.39 -10.67 20.10
CA TYR A 1129 14.87 -10.19 18.81
C TYR A 1129 16.35 -9.83 18.84
N GLY A 1130 16.92 -9.59 20.02
CA GLY A 1130 18.33 -9.25 20.09
C GLY A 1130 19.24 -10.36 19.59
N ASP A 1131 18.95 -11.59 19.98
CA ASP A 1131 19.75 -12.75 19.59
C ASP A 1131 18.91 -13.62 18.66
N ASN A 1132 18.98 -13.33 17.37
CA ASN A 1132 18.32 -14.16 16.37
C ASN A 1132 19.21 -15.35 16.03
N SER A 1133 18.78 -16.13 15.04
CA SER A 1133 19.42 -17.38 14.64
C SER A 1133 19.50 -18.39 15.78
N ARG A 1134 18.67 -18.23 16.80
CA ARG A 1134 18.66 -19.10 17.97
C ARG A 1134 17.38 -18.83 18.75
N VAL A 1135 16.73 -19.90 19.20
CA VAL A 1135 15.51 -19.77 19.98
C VAL A 1135 15.89 -19.34 21.39
N VAL A 1136 15.62 -18.08 21.73
CA VAL A 1136 15.97 -17.54 23.03
C VAL A 1136 14.94 -17.98 24.05
N SER A 1137 15.41 -18.61 25.13
CA SER A 1137 14.51 -19.18 26.13
C SER A 1137 13.93 -18.08 27.02
N TYR A 1138 12.87 -18.45 27.75
CA TYR A 1138 12.20 -17.48 28.62
C TYR A 1138 13.04 -17.10 29.82
N GLU A 1139 13.81 -18.04 30.38
CA GLU A 1139 14.61 -17.74 31.56
C GLU A 1139 15.69 -16.72 31.26
N GLU A 1140 16.35 -16.83 30.11
CA GLU A 1140 17.39 -15.87 29.78
C GLU A 1140 16.80 -14.51 29.38
N ILE A 1141 15.59 -14.50 28.81
CA ILE A 1141 14.88 -13.23 28.64
C ILE A 1141 14.63 -12.58 30.00
N VAL A 1142 14.19 -13.38 30.97
CA VAL A 1142 13.91 -12.85 32.30
C VAL A 1142 15.16 -12.30 32.95
N ARG A 1143 16.28 -13.01 32.83
CA ARG A 1143 17.51 -12.53 33.47
C ARG A 1143 18.08 -11.32 32.74
N ALA A 1144 17.90 -11.24 31.42
CA ALA A 1144 18.31 -10.04 30.69
C ALA A 1144 17.47 -8.84 31.11
N ALA A 1145 16.17 -9.05 31.31
CA ALA A 1145 15.31 -7.97 31.80
C ALA A 1145 15.70 -7.56 33.21
N LYS A 1146 16.05 -8.54 34.06
CA LYS A 1146 16.52 -8.23 35.40
C LYS A 1146 17.81 -7.43 35.36
N GLU A 1147 18.72 -7.77 34.44
CA GLU A 1147 19.97 -7.06 34.32
C GLU A 1147 19.78 -5.62 33.87
N ALA A 1148 18.64 -5.32 33.25
CA ALA A 1148 18.35 -3.97 32.77
C ALA A 1148 17.35 -3.23 33.65
N ASN A 1149 16.99 -3.78 34.82
CA ASN A 1149 16.10 -3.12 35.77
C ASN A 1149 14.75 -2.78 35.15
N ILE A 1150 14.19 -3.74 34.42
CA ILE A 1150 12.89 -3.53 33.76
C ILE A 1150 11.96 -4.68 34.13
N HIS A 1151 12.51 -5.71 34.79
CA HIS A 1151 11.74 -6.91 35.08
C HIS A 1151 10.54 -6.63 35.98
N GLN A 1152 10.72 -5.76 36.98
CA GLN A 1152 9.62 -5.47 37.90
C GLN A 1152 8.44 -4.84 37.19
N PHE A 1153 8.70 -3.91 36.27
CA PHE A 1153 7.61 -3.28 35.53
C PHE A 1153 6.87 -4.29 34.67
N ILE A 1154 7.61 -5.21 34.03
CA ILE A 1154 6.97 -6.24 33.21
C ILE A 1154 6.10 -7.14 34.08
N ASP A 1155 6.61 -7.51 35.27
CA ASP A 1155 5.83 -8.36 36.17
C ASP A 1155 4.56 -7.65 36.62
N SER A 1156 4.65 -6.34 36.91
CA SER A 1156 3.48 -5.61 37.35
C SER A 1156 2.41 -5.51 36.26
N LEU A 1157 2.79 -5.64 35.00
CA LEU A 1157 1.84 -5.52 33.91
C LEU A 1157 1.00 -6.79 33.77
N PRO A 1158 -0.29 -6.66 33.46
CA PRO A 1158 -1.04 -7.82 33.00
C PRO A 1158 -0.48 -8.31 31.67
N ASP A 1159 -0.62 -9.63 31.44
CA ASP A 1159 -0.07 -10.33 30.29
C ASP A 1159 1.45 -10.47 30.41
N LYS A 1160 2.03 -9.85 31.43
CA LYS A 1160 3.46 -9.94 31.72
C LYS A 1160 4.32 -9.63 30.50
N TYR A 1161 5.18 -10.57 30.11
CA TYR A 1161 6.06 -10.39 28.97
C TYR A 1161 5.33 -10.48 27.64
N ASN A 1162 4.06 -10.89 27.63
CA ASN A 1162 3.26 -10.94 26.42
C ASN A 1162 2.58 -9.61 26.13
N THR A 1163 2.81 -8.59 26.94
CA THR A 1163 2.22 -7.28 26.69
C THR A 1163 2.76 -6.69 25.39
N ARG A 1164 1.85 -6.32 24.50
CA ARG A 1164 2.24 -5.75 23.22
C ARG A 1164 2.64 -4.29 23.40
N VAL A 1165 3.78 -3.94 22.85
CA VAL A 1165 4.23 -2.55 22.82
C VAL A 1165 3.74 -1.91 21.53
N GLY A 1166 3.54 -0.61 21.56
CA GLY A 1166 3.05 0.11 20.40
C GLY A 1166 4.09 0.17 19.30
N ASP A 1167 3.70 0.83 18.21
CA ASP A 1167 4.60 0.99 17.08
C ASP A 1167 5.80 1.84 17.49
N LYS A 1168 7.00 1.31 17.20
CA LYS A 1168 8.27 1.96 17.55
C LYS A 1168 8.42 2.18 19.05
N GLY A 1169 7.69 1.42 19.87
CA GLY A 1169 7.77 1.57 21.31
C GLY A 1169 6.97 2.73 21.87
N THR A 1170 6.02 3.27 21.11
CA THR A 1170 5.29 4.46 21.54
C THR A 1170 4.39 4.21 22.74
N GLN A 1171 3.99 2.96 22.99
CA GLN A 1171 3.13 2.63 24.12
C GLN A 1171 3.93 2.25 25.37
N LEU A 1172 5.15 2.77 25.49
CA LEU A 1172 5.97 2.58 26.67
C LEU A 1172 6.55 3.92 27.10
N SER A 1173 6.93 3.99 28.36
CA SER A 1173 7.70 5.14 28.83
C SER A 1173 9.07 5.16 28.16
N GLY A 1174 9.64 6.36 28.05
CA GLY A 1174 10.97 6.47 27.45
C GLY A 1174 12.00 5.66 28.21
N GLY A 1175 11.95 5.71 29.54
CA GLY A 1175 12.87 4.90 30.33
C GLY A 1175 12.64 3.41 30.16
N GLN A 1176 11.38 2.99 30.16
CA GLN A 1176 11.06 1.58 29.97
C GLN A 1176 11.48 1.10 28.59
N LYS A 1177 11.23 1.91 27.55
CA LYS A 1177 11.66 1.54 26.21
C LYS A 1177 13.17 1.45 26.11
N GLN A 1178 13.89 2.41 26.71
CA GLN A 1178 15.34 2.38 26.68
C GLN A 1178 15.89 1.17 27.43
N ARG A 1179 15.28 0.83 28.58
CA ARG A 1179 15.75 -0.32 29.33
C ARG A 1179 15.45 -1.62 28.60
N ILE A 1180 14.33 -1.69 27.90
CA ILE A 1180 14.03 -2.88 27.10
C ILE A 1180 15.01 -3.01 25.94
N ALA A 1181 15.39 -1.88 25.34
CA ALA A 1181 16.44 -1.92 24.32
C ALA A 1181 17.77 -2.40 24.91
N ILE A 1182 18.09 -1.95 26.13
CA ILE A 1182 19.31 -2.39 26.80
C ILE A 1182 19.27 -3.90 27.02
N ALA A 1183 18.13 -4.40 27.49
CA ALA A 1183 17.98 -5.84 27.70
C ALA A 1183 18.09 -6.62 26.39
N ARG A 1184 17.53 -6.06 25.31
CA ARG A 1184 17.65 -6.69 24.00
C ARG A 1184 19.10 -6.79 23.57
N ALA A 1185 19.87 -5.73 23.80
CA ALA A 1185 21.30 -5.78 23.49
C ALA A 1185 22.03 -6.78 24.37
N LEU A 1186 21.66 -6.84 25.66
CA LEU A 1186 22.39 -7.66 26.62
C LEU A 1186 22.11 -9.15 26.47
N VAL A 1187 20.91 -9.52 26.00
CA VAL A 1187 20.58 -10.94 25.88
C VAL A 1187 21.50 -11.64 24.89
N ARG A 1188 22.07 -10.88 23.94
CA ARG A 1188 23.04 -11.46 23.03
C ARG A 1188 24.29 -11.94 23.75
N GLN A 1189 24.60 -11.33 24.90
CA GLN A 1189 25.89 -11.48 25.55
C GLN A 1189 27.02 -11.18 24.56
N PRO A 1190 27.05 -9.99 23.97
CA PRO A 1190 28.01 -9.74 22.89
C PRO A 1190 29.42 -9.58 23.40
N HIS A 1191 30.38 -9.87 22.53
CA HIS A 1191 31.78 -9.60 22.84
C HIS A 1191 32.09 -8.11 22.78
N ILE A 1192 31.46 -7.41 21.84
CA ILE A 1192 31.64 -5.97 21.66
C ILE A 1192 30.32 -5.30 21.99
N LEU A 1193 30.27 -4.62 23.13
CA LEU A 1193 29.10 -3.86 23.54
C LEU A 1193 29.31 -2.40 23.14
N LEU A 1194 28.32 -1.84 22.44
CA LEU A 1194 28.33 -0.44 22.02
C LEU A 1194 27.10 0.23 22.61
N LEU A 1195 27.33 1.35 23.30
CA LEU A 1195 26.26 2.13 23.92
C LEU A 1195 26.33 3.54 23.34
N ASP A 1196 25.20 4.03 22.83
CA ASP A 1196 25.13 5.39 22.28
C ASP A 1196 24.06 6.12 23.07
N GLU A 1197 24.49 6.84 24.11
CA GLU A 1197 23.59 7.54 25.02
C GLU A 1197 22.54 6.59 25.57
N ALA A 1198 22.99 5.41 26.00
CA ALA A 1198 22.10 4.34 26.42
C ALA A 1198 21.33 4.65 27.70
N THR A 1199 21.69 5.71 28.40
CA THR A 1199 20.99 6.12 29.61
C THR A 1199 20.43 7.54 29.45
N SER A 1200 19.94 7.85 28.25
CA SER A 1200 19.44 9.20 27.97
C SER A 1200 18.26 9.55 28.86
N ALA A 1201 17.32 8.61 29.03
CA ALA A 1201 16.15 8.82 29.87
C ALA A 1201 16.05 7.66 30.85
N LEU A 1202 16.77 7.77 31.96
CA LEU A 1202 16.72 6.79 33.03
C LEU A 1202 16.74 7.52 34.37
N ASP A 1203 16.20 6.86 35.38
CA ASP A 1203 16.26 7.40 36.74
C ASP A 1203 17.65 7.13 37.33
N THR A 1204 17.89 7.74 38.49
CA THR A 1204 19.11 7.45 39.22
C THR A 1204 19.17 5.99 39.65
N GLU A 1205 18.04 5.44 40.09
CA GLU A 1205 17.96 4.03 40.45
C GLU A 1205 18.27 3.15 39.25
N SER A 1206 17.61 3.41 38.12
CA SER A 1206 17.82 2.59 36.93
C SER A 1206 19.24 2.73 36.42
N GLU A 1207 19.77 3.95 36.39
CA GLU A 1207 21.14 4.15 35.94
C GLU A 1207 22.13 3.41 36.83
N LYS A 1208 21.93 3.49 38.15
CA LYS A 1208 22.83 2.80 39.07
C LYS A 1208 22.76 1.29 38.89
N VAL A 1209 21.54 0.75 38.74
CA VAL A 1209 21.40 -0.70 38.59
C VAL A 1209 22.04 -1.18 37.30
N VAL A 1210 21.80 -0.46 36.20
CA VAL A 1210 22.37 -0.85 34.92
C VAL A 1210 23.89 -0.73 34.96
N GLN A 1211 24.41 0.33 35.59
CA GLN A 1211 25.85 0.49 35.70
C GLN A 1211 26.48 -0.63 36.52
N GLU A 1212 25.83 -1.02 37.62
CA GLU A 1212 26.34 -2.14 38.41
C GLU A 1212 26.32 -3.43 37.61
N ALA A 1213 25.25 -3.65 36.83
CA ALA A 1213 25.18 -4.85 36.01
C ALA A 1213 26.29 -4.87 34.97
N LEU A 1214 26.56 -3.73 34.33
CA LEU A 1214 27.67 -3.65 33.38
C LEU A 1214 29.00 -3.88 34.07
N ASP A 1215 29.18 -3.31 35.27
CA ASP A 1215 30.42 -3.48 36.00
C ASP A 1215 30.63 -4.94 36.42
N LYS A 1216 29.54 -5.68 36.61
CA LYS A 1216 29.67 -7.10 36.91
C LYS A 1216 30.39 -7.84 35.79
N ALA A 1217 30.14 -7.44 34.54
CA ALA A 1217 30.73 -8.10 33.38
C ALA A 1217 31.62 -7.16 32.58
N ARG A 1218 32.41 -6.31 33.26
CA ARG A 1218 33.35 -5.45 32.57
C ARG A 1218 34.41 -6.27 31.84
N GLU A 1219 35.21 -7.02 32.59
CA GLU A 1219 36.21 -7.89 31.99
C GLU A 1219 35.54 -9.04 31.24
N GLY A 1220 36.18 -9.48 30.17
CA GLY A 1220 35.63 -10.50 29.31
C GLY A 1220 34.88 -9.99 28.11
N ARG A 1221 34.63 -8.68 28.03
CA ARG A 1221 34.03 -8.07 26.85
C ARG A 1221 34.54 -6.66 26.68
N THR A 1222 34.71 -6.26 25.43
CA THR A 1222 35.06 -4.89 25.08
C THR A 1222 33.81 -4.03 25.09
N VAL A 1223 33.93 -2.82 25.65
CA VAL A 1223 32.79 -1.92 25.81
C VAL A 1223 33.18 -0.53 25.31
N ILE A 1224 32.33 0.06 24.48
CA ILE A 1224 32.46 1.44 24.04
C ILE A 1224 31.18 2.17 24.42
N VAL A 1225 31.31 3.32 25.07
CA VAL A 1225 30.18 4.05 25.62
C VAL A 1225 30.25 5.50 25.18
N ILE A 1226 29.12 6.02 24.71
CA ILE A 1226 28.97 7.44 24.39
C ILE A 1226 27.94 8.01 25.35
N ALA A 1227 28.34 9.03 26.11
CA ALA A 1227 27.44 9.66 27.06
C ALA A 1227 28.01 11.02 27.44
N HIS A 1228 27.16 11.85 28.04
CA HIS A 1228 27.57 13.14 28.58
C HIS A 1228 27.52 13.18 30.10
N ARG A 1229 27.17 12.08 30.75
CA ARG A 1229 27.20 12.03 32.20
C ARG A 1229 28.64 11.95 32.70
N LEU A 1230 28.98 12.79 33.67
CA LEU A 1230 30.36 12.88 34.13
C LEU A 1230 30.82 11.58 34.79
N SER A 1231 29.97 11.00 35.65
CA SER A 1231 30.37 9.80 36.39
C SER A 1231 30.67 8.64 35.47
N THR A 1232 29.81 8.41 34.47
CA THR A 1232 30.02 7.29 33.55
C THR A 1232 31.32 7.44 32.78
N ILE A 1233 31.62 8.66 32.32
CA ILE A 1233 32.85 8.89 31.57
C ILE A 1233 34.06 8.71 32.47
N GLN A 1234 34.03 9.27 33.68
CA GLN A 1234 35.19 9.21 34.55
C GLN A 1234 35.42 7.83 35.13
N ASN A 1235 34.40 6.97 35.14
CA ASN A 1235 34.57 5.62 35.64
C ASN A 1235 35.17 4.69 34.58
N ALA A 1236 35.15 5.10 33.31
CA ALA A 1236 35.62 4.24 32.24
C ALA A 1236 37.13 4.08 32.28
N ASP A 1237 37.62 3.04 31.60
CA ASP A 1237 39.06 2.79 31.57
C ASP A 1237 39.79 3.88 30.80
N LEU A 1238 39.33 4.21 29.60
CA LEU A 1238 39.96 5.24 28.79
C LEU A 1238 38.91 6.12 28.13
N ILE A 1239 39.31 7.37 27.84
CA ILE A 1239 38.41 8.38 27.28
C ILE A 1239 39.07 8.99 26.05
N VAL A 1240 38.28 9.17 25.00
CA VAL A 1240 38.73 9.80 23.76
C VAL A 1240 37.81 10.97 23.43
N VAL A 1241 38.41 12.12 23.16
CA VAL A 1241 37.68 13.34 22.82
C VAL A 1241 37.73 13.51 21.31
N ILE A 1242 36.57 13.73 20.69
CA ILE A 1242 36.45 13.86 19.25
C ILE A 1242 36.06 15.30 18.94
N GLN A 1243 36.99 16.05 18.35
CA GLN A 1243 36.74 17.41 17.90
C GLN A 1243 36.45 17.37 16.40
N ASN A 1244 35.20 17.63 16.04
CA ASN A 1244 34.72 17.73 14.66
C ASN A 1244 35.22 16.61 13.75
N GLY A 1245 35.47 15.44 14.33
CA GLY A 1245 35.85 14.27 13.55
C GLY A 1245 37.29 13.82 13.71
N LYS A 1246 38.05 14.43 14.61
CA LYS A 1246 39.43 14.05 14.85
C LYS A 1246 39.64 13.76 16.34
N VAL A 1247 40.41 12.73 16.64
CA VAL A 1247 40.82 12.47 18.01
C VAL A 1247 41.75 13.59 18.47
N LYS A 1248 41.46 14.15 19.65
CA LYS A 1248 42.30 15.23 20.17
C LYS A 1248 42.94 14.90 21.51
N GLU A 1249 42.22 14.23 22.41
CA GLU A 1249 42.75 13.84 23.71
C GLU A 1249 42.40 12.39 23.99
N HIS A 1250 43.37 11.64 24.50
CA HIS A 1250 43.16 10.23 24.82
C HIS A 1250 43.93 9.91 26.09
N GLY A 1251 43.28 9.24 27.03
CA GLY A 1251 43.94 8.87 28.27
C GLY A 1251 42.92 8.56 29.34
N THR A 1252 43.41 8.29 30.54
CA THR A 1252 42.55 8.06 31.68
C THR A 1252 41.92 9.38 32.14
N HIS A 1253 40.97 9.26 33.07
CA HIS A 1253 40.31 10.45 33.58
C HIS A 1253 41.29 11.38 34.30
N GLN A 1254 42.18 10.80 35.12
CA GLN A 1254 43.17 11.62 35.81
C GLN A 1254 44.18 12.21 34.84
N GLN A 1255 44.56 11.46 33.81
CA GLN A 1255 45.51 11.98 32.83
C GLN A 1255 44.94 13.18 32.09
N LEU A 1256 43.67 13.11 31.69
CA LEU A 1256 43.05 14.23 30.99
C LEU A 1256 42.73 15.37 31.92
N LEU A 1257 42.46 15.07 33.20
CA LEU A 1257 42.16 16.13 34.16
C LEU A 1257 43.42 16.92 34.53
N ALA A 1258 44.55 16.22 34.65
CA ALA A 1258 45.81 16.89 35.00
C ALA A 1258 46.20 17.92 33.95
N GLN A 1259 46.08 17.56 32.68
CA GLN A 1259 46.31 18.52 31.61
C GLN A 1259 45.13 19.49 31.52
N LYS A 1260 45.40 20.65 30.94
CA LYS A 1260 44.39 21.71 30.82
C LYS A 1260 43.84 21.69 29.40
N GLY A 1261 42.80 20.90 29.19
CA GLY A 1261 42.21 20.76 27.87
C GLY A 1261 40.70 20.93 27.86
N ILE A 1262 40.06 20.49 26.76
CA ILE A 1262 38.62 20.64 26.65
C ILE A 1262 37.89 19.71 27.62
N TYR A 1263 38.42 18.50 27.84
CA TYR A 1263 37.83 17.62 28.83
C TYR A 1263 37.97 18.20 30.24
N PHE A 1264 39.11 18.83 30.52
CA PHE A 1264 39.28 19.55 31.78
C PHE A 1264 38.27 20.69 31.89
N SER A 1265 38.03 21.40 30.79
CA SER A 1265 37.03 22.47 30.80
C SER A 1265 35.65 21.91 31.13
N MET A 1266 35.29 20.77 30.52
CA MET A 1266 33.99 20.17 30.76
C MET A 1266 33.84 19.72 32.22
N VAL A 1267 34.86 19.06 32.76
CA VAL A 1267 34.77 18.58 34.14
C VAL A 1267 34.78 19.74 35.13
N SER A 1268 35.45 20.84 34.79
CA SER A 1268 35.43 22.02 35.65
C SER A 1268 34.09 22.72 35.60
N VAL A 1269 33.50 22.84 34.41
CA VAL A 1269 32.19 23.46 34.28
C VAL A 1269 31.14 22.66 35.02
N GLN A 1270 31.18 21.33 34.89
CA GLN A 1270 30.23 20.48 35.61
C GLN A 1270 30.38 20.63 37.12
N ALA A 1271 31.63 20.69 37.60
CA ALA A 1271 31.89 20.85 39.02
C ALA A 1271 31.65 22.29 39.47
#